data_7F8E
#
_entry.id   7F8E
#
_cell.length_a   37.929
_cell.length_b   146.375
_cell.length_c   74.128
_cell.angle_alpha   90.000
_cell.angle_beta   93.355
_cell.angle_gamma   90.000
#
_symmetry.space_group_name_H-M   'P 1 21 1'
#
loop_
_entity.id
_entity.type
_entity.pdbx_description
1 polymer 'Pyridoxal phosphate homeostasis protein'
2 non-polymer 'SULFATE ION'
3 water water
#
_entity_poly.entity_id   1
_entity_poly.type   'polypeptide(L)'
_entity_poly.pdbx_seq_one_letter_code
;(MSE)SIKANVEEILEDIKKYSPYPEKVKLVAVTKYSSVEDIEKFLETGQNICGENKVQVIKDKIEYFKEKNKKIKWHFI
GNLQKNKVKYIIDDVDLIHSVNKLSLAQEINKKAEQSSKI(MSE)DVLLEINVYGEESKQGYSLDELKCDIIELQNLKNL
NIIGV(MSE)T(MSE)APFTDDEKILR(MSE)VFSELRKIKDELNKEYFNNNLTELS(MSE)G(MSE)SSDYKIALQEGS
TFIRVGTKIFK
;
_entity_poly.pdbx_strand_id   A,B,C
#
loop_
_chem_comp.id
_chem_comp.type
_chem_comp.name
_chem_comp.formula
SO4 non-polymer 'SULFATE ION' 'O4 S -2'
#
# COMPACT_ATOMS: atom_id res chain seq x y z
N MSE A 1 -20.10 33.64 -0.95
CA MSE A 1 -19.02 32.66 -1.13
C MSE A 1 -17.74 33.04 -0.38
O MSE A 1 -17.54 34.17 0.04
CB MSE A 1 -18.76 32.50 -2.62
CG MSE A 1 -18.43 33.82 -3.26
SE MSE A 1 -16.52 34.12 -3.28
CE MSE A 1 -16.34 33.65 -5.12
N SER A 2 -16.85 32.05 -0.24
CA SER A 2 -15.67 32.17 0.60
C SER A 2 -14.52 31.45 -0.08
N ILE A 3 -13.52 32.20 -0.54
CA ILE A 3 -12.35 31.60 -1.18
C ILE A 3 -11.70 30.60 -0.25
N LYS A 4 -11.56 30.96 1.04
CA LYS A 4 -11.01 30.03 2.03
C LYS A 4 -11.81 28.73 2.08
N ALA A 5 -13.14 28.84 2.14
CA ALA A 5 -13.95 27.63 2.23
C ALA A 5 -13.80 26.80 0.98
N ASN A 6 -13.71 27.45 -0.19
CA ASN A 6 -13.55 26.72 -1.44
C ASN A 6 -12.21 25.97 -1.48
N VAL A 7 -11.13 26.65 -1.11
CA VAL A 7 -9.81 26.01 -1.06
C VAL A 7 -9.84 24.83 -0.10
N GLU A 8 -10.45 25.03 1.07
CA GLU A 8 -10.52 23.98 2.09
C GLU A 8 -11.22 22.74 1.56
N GLU A 9 -12.31 22.93 0.83
CA GLU A 9 -13.05 21.83 0.24
C GLU A 9 -12.19 21.05 -0.76
N ILE A 10 -11.43 21.77 -1.60
CA ILE A 10 -10.54 21.11 -2.57
C ILE A 10 -9.47 20.29 -1.85
N LEU A 11 -8.88 20.85 -0.79
CA LEU A 11 -7.88 20.08 -0.04
C LEU A 11 -8.49 18.84 0.59
N GLU A 12 -9.76 18.92 1.03
CA GLU A 12 -10.44 17.72 1.51
C GLU A 12 -10.63 16.70 0.39
N ASP A 13 -11.04 17.17 -0.80
CA ASP A 13 -11.15 16.27 -1.94
C ASP A 13 -9.83 15.58 -2.23
N ILE A 14 -8.71 16.31 -2.13
CA ILE A 14 -7.41 15.71 -2.37
C ILE A 14 -7.19 14.54 -1.42
N LYS A 15 -7.45 14.75 -0.13
CA LYS A 15 -7.30 13.68 0.86
C LYS A 15 -8.24 12.53 0.56
N LYS A 16 -9.42 12.83 0.03
CA LYS A 16 -10.43 11.80 -0.20
C LYS A 16 -10.16 11.00 -1.47
N TYR A 17 -9.64 11.63 -2.54
CA TYR A 17 -9.62 10.98 -3.85
C TYR A 17 -8.23 10.57 -4.34
N SER A 18 -7.17 11.18 -3.83
CA SER A 18 -5.86 10.86 -4.37
C SER A 18 -5.37 9.52 -3.82
N PRO A 19 -4.76 8.69 -4.67
CA PRO A 19 -4.03 7.52 -4.14
C PRO A 19 -2.81 7.91 -3.33
N TYR A 20 -2.33 9.15 -3.45
CA TYR A 20 -1.15 9.60 -2.71
C TYR A 20 -1.30 11.09 -2.38
N PRO A 21 -2.20 11.43 -1.46
CA PRO A 21 -2.53 12.84 -1.24
C PRO A 21 -1.32 13.71 -0.97
N GLU A 22 -0.29 13.17 -0.33
CA GLU A 22 0.88 13.96 0.02
C GLU A 22 1.63 14.47 -1.20
N LYS A 23 1.39 13.92 -2.40
CA LYS A 23 2.09 14.38 -3.60
C LYS A 23 1.36 15.47 -4.37
N VAL A 24 0.12 15.80 -4.01
CA VAL A 24 -0.76 16.60 -4.86
C VAL A 24 -0.63 18.08 -4.52
N LYS A 25 -0.47 18.91 -5.53
CA LYS A 25 -0.43 20.36 -5.37
C LYS A 25 -1.65 20.97 -6.04
N LEU A 26 -2.25 21.95 -5.39
CA LEU A 26 -3.31 22.74 -6.00
C LEU A 26 -2.69 23.90 -6.77
N VAL A 27 -2.99 24.00 -8.06
CA VAL A 27 -2.56 25.13 -8.87
C VAL A 27 -3.77 26.04 -9.05
N ALA A 28 -3.81 27.18 -8.36
CA ALA A 28 -4.93 28.08 -8.57
C ALA A 28 -4.76 28.77 -9.92
N VAL A 29 -5.78 28.62 -10.77
CA VAL A 29 -5.76 29.21 -12.09
C VAL A 29 -6.25 30.65 -11.92
N THR A 30 -5.33 31.61 -12.01
CA THR A 30 -5.61 32.99 -11.69
C THR A 30 -5.75 33.86 -12.94
N LYS A 31 -5.87 33.23 -14.12
CA LYS A 31 -5.85 33.97 -15.37
C LYS A 31 -7.00 34.96 -15.51
N TYR A 32 -8.09 34.80 -14.75
CA TYR A 32 -9.21 35.73 -14.78
C TYR A 32 -9.40 36.44 -13.45
N SER A 33 -8.37 36.49 -12.61
CA SER A 33 -8.52 37.04 -11.27
C SER A 33 -7.71 38.31 -11.11
N SER A 34 -8.32 39.30 -10.47
CA SER A 34 -7.63 40.53 -10.11
C SER A 34 -6.55 40.22 -9.08
N VAL A 35 -5.58 41.15 -8.95
CA VAL A 35 -4.55 40.94 -7.94
C VAL A 35 -5.15 40.98 -6.54
N GLU A 36 -6.29 41.64 -6.35
CA GLU A 36 -6.96 41.60 -5.05
C GLU A 36 -7.48 40.20 -4.72
N ASP A 37 -8.04 39.50 -5.72
CA ASP A 37 -8.55 38.16 -5.48
C ASP A 37 -7.41 37.16 -5.30
N ILE A 38 -6.34 37.31 -6.07
CA ILE A 38 -5.15 36.47 -5.87
C ILE A 38 -4.64 36.61 -4.45
N GLU A 39 -4.48 37.86 -3.98
CA GLU A 39 -4.09 38.10 -2.59
C GLU A 39 -5.01 37.36 -1.61
N LYS A 40 -6.32 37.34 -1.89
CA LYS A 40 -7.23 36.58 -1.03
C LYS A 40 -6.89 35.08 -1.04
N PHE A 41 -6.54 34.55 -2.21
CA PHE A 41 -6.11 33.15 -2.30
C PHE A 41 -4.87 32.91 -1.45
N LEU A 42 -3.86 33.79 -1.58
CA LEU A 42 -2.64 33.63 -0.81
C LEU A 42 -2.92 33.58 0.67
N GLU A 43 -3.92 34.31 1.13
CA GLU A 43 -4.26 34.32 2.54
C GLU A 43 -4.91 33.03 3.01
N THR A 44 -5.20 32.09 2.11
CA THR A 44 -5.66 30.78 2.55
C THR A 44 -4.53 29.88 3.03
N GLY A 45 -3.28 30.29 2.82
CA GLY A 45 -2.14 29.43 3.07
C GLY A 45 -1.62 28.69 1.84
N GLN A 46 -2.24 28.88 0.68
CA GLN A 46 -1.77 28.33 -0.58
C GLN A 46 -1.08 29.44 -1.36
N ASN A 47 -0.10 29.08 -2.23
CA ASN A 47 0.49 30.13 -3.05
C ASN A 47 0.98 29.67 -4.42
N ILE A 48 0.43 28.59 -4.97
CA ILE A 48 0.76 28.22 -6.34
C ILE A 48 -0.29 28.83 -7.24
N CYS A 49 0.14 29.69 -8.17
CA CYS A 49 -0.75 30.44 -9.06
C CYS A 49 -0.35 30.17 -10.51
N GLY A 50 -1.32 29.76 -11.33
CA GLY A 50 -1.07 29.42 -12.72
C GLY A 50 -1.72 30.46 -13.66
N GLU A 51 -0.92 30.91 -14.62
CA GLU A 51 -1.41 31.86 -15.62
C GLU A 51 -1.15 31.31 -17.02
N ASN A 52 -1.86 31.84 -18.01
CA ASN A 52 -1.69 31.31 -19.36
C ASN A 52 -1.35 32.34 -20.41
N LYS A 53 -1.23 33.63 -20.06
CA LYS A 53 -0.84 34.68 -20.99
C LYS A 53 0.43 35.35 -20.47
N VAL A 54 1.41 35.53 -21.35
CA VAL A 54 2.72 36.03 -20.91
C VAL A 54 2.62 37.47 -20.40
N GLN A 55 1.91 38.33 -21.13
CA GLN A 55 1.80 39.72 -20.68
C GLN A 55 1.11 39.80 -19.33
N VAL A 56 0.08 38.98 -19.12
CA VAL A 56 -0.66 39.04 -17.86
C VAL A 56 0.21 38.60 -16.69
N ILE A 57 0.88 37.44 -16.82
CA ILE A 57 1.69 36.97 -15.72
C ILE A 57 2.87 37.91 -15.47
N LYS A 58 3.44 38.46 -16.54
CA LYS A 58 4.53 39.41 -16.40
C LYS A 58 4.14 40.54 -15.45
N ASP A 59 2.96 41.12 -15.66
CA ASP A 59 2.54 42.27 -14.85
C ASP A 59 2.14 41.84 -13.45
N LYS A 60 1.49 40.68 -13.31
CA LYS A 60 1.17 40.22 -11.96
C LYS A 60 2.44 39.90 -11.16
N ILE A 61 3.45 39.30 -11.81
CA ILE A 61 4.71 38.99 -11.12
C ILE A 61 5.34 40.26 -10.57
N GLU A 62 5.42 41.32 -11.40
CA GLU A 62 6.00 42.58 -10.92
C GLU A 62 5.20 43.16 -9.77
N TYR A 63 3.86 43.13 -9.89
CA TYR A 63 3.01 43.65 -8.82
C TYR A 63 3.29 42.98 -7.48
N PHE A 64 3.34 41.65 -7.43
CA PHE A 64 3.52 40.98 -6.15
C PHE A 64 4.96 41.01 -5.67
N LYS A 65 5.93 41.22 -6.56
CA LYS A 65 7.27 41.56 -6.09
C LYS A 65 7.22 42.86 -5.30
N GLU A 66 6.63 43.91 -5.89
CA GLU A 66 6.56 45.21 -5.22
C GLU A 66 5.76 45.12 -3.92
N LYS A 67 4.76 44.24 -3.86
CA LYS A 67 4.02 44.03 -2.62
C LYS A 67 4.70 43.03 -1.70
N ASN A 68 5.86 42.49 -2.09
CA ASN A 68 6.64 41.57 -1.26
C ASN A 68 5.85 40.35 -0.81
N LYS A 69 5.15 39.73 -1.76
CA LYS A 69 4.34 38.54 -1.51
C LYS A 69 4.99 37.33 -2.18
N LYS A 70 5.05 36.21 -1.45
CA LYS A 70 5.70 35.01 -1.95
C LYS A 70 4.70 34.16 -2.73
N ILE A 71 5.03 33.86 -3.97
CA ILE A 71 4.16 33.12 -4.87
C ILE A 71 5.02 32.15 -5.68
N LYS A 72 4.52 30.94 -5.87
CA LYS A 72 5.12 30.02 -6.84
C LYS A 72 4.35 30.14 -8.15
N TRP A 73 4.96 30.80 -9.13
CA TRP A 73 4.30 31.06 -10.41
C TRP A 73 4.46 29.86 -11.34
N HIS A 74 3.34 29.34 -11.84
CA HIS A 74 3.32 28.31 -12.86
C HIS A 74 2.80 28.90 -14.17
N PHE A 75 3.44 28.54 -15.30
CA PHE A 75 2.92 28.93 -16.60
C PHE A 75 2.22 27.74 -17.24
N ILE A 76 0.93 27.88 -17.52
CA ILE A 76 0.13 26.73 -17.92
C ILE A 76 -0.50 26.92 -19.30
N GLY A 77 -0.16 27.99 -20.02
CA GLY A 77 -0.69 28.26 -21.32
C GLY A 77 0.33 28.01 -22.44
N ASN A 78 -0.06 28.40 -23.65
CA ASN A 78 0.84 28.26 -24.79
C ASN A 78 1.98 29.26 -24.67
N LEU A 79 3.21 28.78 -24.85
CA LEU A 79 4.39 29.60 -24.65
C LEU A 79 5.10 29.73 -25.99
N GLN A 80 5.07 30.92 -26.56
CA GLN A 80 5.78 31.21 -27.80
C GLN A 80 7.27 31.36 -27.49
N LYS A 81 8.11 30.77 -28.38
CA LYS A 81 9.56 30.77 -28.16
C LYS A 81 10.10 32.17 -27.87
N ASN A 82 9.63 33.18 -28.59
CA ASN A 82 10.16 34.53 -28.38
C ASN A 82 9.54 35.24 -27.18
N LYS A 83 8.67 34.58 -26.42
CA LYS A 83 8.16 35.13 -25.17
C LYS A 83 8.85 34.54 -23.93
N VAL A 84 9.64 33.47 -24.11
CA VAL A 84 10.29 32.81 -22.98
C VAL A 84 11.08 33.81 -22.14
N LYS A 85 11.74 34.77 -22.80
CA LYS A 85 12.62 35.71 -22.09
C LYS A 85 11.87 36.47 -20.99
N TYR A 86 10.55 36.62 -21.13
CA TYR A 86 9.80 37.44 -20.19
C TYR A 86 9.45 36.73 -18.89
N ILE A 87 9.52 35.40 -18.85
CA ILE A 87 9.14 34.66 -17.65
C ILE A 87 10.26 33.79 -17.09
N ILE A 88 11.38 33.66 -17.79
CA ILE A 88 12.39 32.66 -17.44
C ILE A 88 12.94 32.86 -16.02
N ASP A 89 12.95 34.09 -15.51
CA ASP A 89 13.56 34.35 -14.21
C ASP A 89 12.59 34.24 -13.04
N ASP A 90 11.27 34.20 -13.27
CA ASP A 90 10.31 34.26 -12.18
C ASP A 90 9.30 33.11 -12.13
N VAL A 91 9.22 32.30 -13.14
CA VAL A 91 8.28 31.19 -13.14
C VAL A 91 8.98 29.97 -12.55
N ASP A 92 8.29 29.24 -11.68
CA ASP A 92 8.82 28.04 -11.05
C ASP A 92 8.55 26.76 -11.85
N LEU A 93 7.51 26.72 -12.69
CA LEU A 93 7.23 25.52 -13.45
C LEU A 93 6.48 25.88 -14.73
N ILE A 94 6.99 25.42 -15.86
CA ILE A 94 6.33 25.58 -17.15
C ILE A 94 5.68 24.23 -17.47
N HIS A 95 4.33 24.21 -17.53
CA HIS A 95 3.58 22.98 -17.77
C HIS A 95 3.52 22.60 -19.24
N SER A 96 3.79 23.54 -20.14
CA SER A 96 3.34 23.39 -21.52
C SER A 96 4.47 23.24 -22.54
N VAL A 97 5.44 22.37 -22.25
CA VAL A 97 6.53 22.14 -23.19
C VAL A 97 6.04 21.08 -24.16
N ASN A 98 5.69 21.52 -25.36
CA ASN A 98 5.03 20.65 -26.33
C ASN A 98 5.90 20.32 -27.54
N LYS A 99 7.08 20.89 -27.65
CA LYS A 99 7.91 20.56 -28.80
C LYS A 99 9.36 20.89 -28.48
N LEU A 100 10.26 20.31 -29.27
CA LEU A 100 11.69 20.41 -29.01
C LEU A 100 12.19 21.84 -29.12
N SER A 101 11.73 22.58 -30.14
CA SER A 101 12.25 23.93 -30.33
C SER A 101 11.91 24.82 -29.14
N LEU A 102 10.74 24.63 -28.53
CA LEU A 102 10.43 25.36 -27.31
C LEU A 102 11.32 24.92 -26.16
N ALA A 103 11.52 23.61 -25.98
CA ALA A 103 12.39 23.15 -24.90
C ALA A 103 13.78 23.73 -25.06
N GLN A 104 14.27 23.80 -26.31
CA GLN A 104 15.61 24.32 -26.58
C GLN A 104 15.70 25.80 -26.25
N GLU A 105 14.65 26.57 -26.57
CA GLU A 105 14.67 27.98 -26.22
C GLU A 105 14.62 28.16 -24.70
N ILE A 106 13.79 27.38 -24.01
CA ILE A 106 13.75 27.48 -22.55
C ILE A 106 15.13 27.15 -21.98
N ASN A 107 15.76 26.09 -22.48
CA ASN A 107 17.08 25.69 -22.00
C ASN A 107 18.10 26.80 -22.20
N LYS A 108 18.11 27.40 -23.39
CA LYS A 108 19.08 28.44 -23.69
C LYS A 108 18.91 29.65 -22.77
N LYS A 109 17.65 30.07 -22.55
CA LYS A 109 17.42 31.20 -21.67
C LYS A 109 17.72 30.87 -20.21
N ALA A 110 17.42 29.63 -19.80
CA ALA A 110 17.75 29.25 -18.42
C ALA A 110 19.25 29.29 -18.21
N GLU A 111 19.99 28.76 -19.17
CA GLU A 111 21.45 28.75 -19.06
C GLU A 111 22.00 30.17 -18.96
N GLN A 112 21.47 31.10 -19.77
CA GLN A 112 21.94 32.48 -19.70
C GLN A 112 21.67 33.10 -18.33
N SER A 113 20.63 32.65 -17.63
CA SER A 113 20.39 33.12 -16.26
C SER A 113 20.96 32.17 -15.21
N SER A 114 21.80 31.22 -15.60
CA SER A 114 22.51 30.35 -14.67
C SER A 114 21.54 29.59 -13.76
N LYS A 115 20.47 29.06 -14.34
CA LYS A 115 19.49 28.32 -13.57
C LYS A 115 19.02 27.11 -14.36
N ILE A 116 18.31 26.22 -13.67
CA ILE A 116 17.67 25.07 -14.28
C ILE A 116 16.17 25.27 -14.13
N MSE A 117 15.47 25.38 -15.25
CA MSE A 117 14.02 25.50 -15.23
C MSE A 117 13.30 24.16 -15.17
O MSE A 117 13.49 23.33 -16.05
CB MSE A 117 13.55 26.26 -16.45
CG MSE A 117 12.02 26.25 -16.61
SE MSE A 117 11.24 27.52 -15.33
CE MSE A 117 10.72 26.31 -14.03
N ASP A 118 12.49 23.94 -14.14
CA ASP A 118 11.60 22.78 -14.11
C ASP A 118 10.51 22.91 -15.19
N VAL A 119 10.25 21.81 -15.91
CA VAL A 119 9.20 21.78 -16.92
C VAL A 119 8.45 20.45 -16.87
N LEU A 120 7.24 20.49 -17.42
CA LEU A 120 6.46 19.30 -17.75
C LEU A 120 6.35 19.21 -19.26
N LEU A 121 6.30 17.98 -19.77
CA LEU A 121 6.07 17.75 -21.19
C LEU A 121 4.57 17.66 -21.44
N GLU A 122 4.06 18.49 -22.35
CA GLU A 122 2.63 18.52 -22.64
C GLU A 122 2.31 17.50 -23.72
N ILE A 123 1.41 16.57 -23.43
CA ILE A 123 1.14 15.44 -24.29
C ILE A 123 -0.33 15.50 -24.73
N ASN A 124 -0.57 15.41 -26.05
CA ASN A 124 -1.93 15.46 -26.59
C ASN A 124 -2.46 14.03 -26.61
N VAL A 125 -2.98 13.62 -25.46
CA VAL A 125 -3.35 12.22 -25.29
C VAL A 125 -4.64 11.88 -26.03
N TYR A 126 -5.59 12.80 -26.13
CA TYR A 126 -6.87 12.48 -26.76
C TYR A 126 -6.86 12.68 -28.28
N GLY A 127 -5.83 13.34 -28.82
CA GLY A 127 -5.70 13.46 -30.27
C GLY A 127 -6.52 14.56 -30.89
N GLU A 128 -6.68 15.69 -30.21
CA GLU A 128 -7.52 16.77 -30.71
C GLU A 128 -6.83 17.54 -31.83
N GLU A 129 -7.60 17.85 -32.87
CA GLU A 129 -7.10 18.61 -34.01
C GLU A 129 -6.74 20.05 -33.67
N SER A 130 -7.25 20.58 -32.56
CA SER A 130 -6.67 21.79 -31.97
C SER A 130 -5.44 21.36 -31.20
N LYS A 131 -4.54 20.69 -31.91
CA LYS A 131 -3.37 20.05 -31.33
C LYS A 131 -2.36 21.09 -30.87
N GLN A 132 -1.86 20.88 -29.67
CA GLN A 132 -0.59 21.53 -29.34
C GLN A 132 0.38 20.55 -28.70
N GLY A 133 -0.11 19.60 -27.91
CA GLY A 133 0.76 18.70 -27.18
C GLY A 133 1.52 17.76 -28.08
N TYR A 134 2.50 17.09 -27.48
CA TYR A 134 3.20 16.01 -28.14
C TYR A 134 2.24 14.87 -28.49
N SER A 135 2.45 14.23 -29.64
CA SER A 135 2.08 12.83 -29.72
C SER A 135 3.16 11.99 -29.04
N LEU A 136 2.80 10.77 -28.66
CA LEU A 136 3.77 9.90 -27.98
C LEU A 136 4.94 9.55 -28.89
N ASP A 137 4.68 9.33 -30.18
CA ASP A 137 5.76 9.01 -31.12
C ASP A 137 6.74 10.17 -31.25
N GLU A 138 6.21 11.39 -31.35
CA GLU A 138 7.07 12.56 -31.46
C GLU A 138 7.92 12.74 -30.22
N LEU A 139 7.35 12.52 -29.04
CA LEU A 139 8.12 12.68 -27.81
C LEU A 139 9.23 11.64 -27.75
N LYS A 140 8.91 10.38 -28.03
CA LYS A 140 9.92 9.33 -28.01
C LYS A 140 11.08 9.68 -28.96
N CYS A 141 10.76 10.28 -30.09
CA CYS A 141 11.80 10.67 -31.04
C CYS A 141 12.65 11.81 -30.50
N ASP A 142 12.09 12.67 -29.63
CA ASP A 142 12.81 13.83 -29.09
C ASP A 142 13.60 13.52 -27.82
N ILE A 143 13.45 12.32 -27.25
CA ILE A 143 13.70 12.13 -25.82
C ILE A 143 15.15 12.44 -25.47
N ILE A 144 16.09 11.92 -26.26
CA ILE A 144 17.49 12.03 -25.88
C ILE A 144 17.99 13.46 -26.07
N GLU A 145 17.61 14.11 -27.17
CA GLU A 145 17.86 15.55 -27.28
C GLU A 145 17.29 16.28 -26.07
N LEU A 146 16.07 15.93 -25.65
CA LEU A 146 15.47 16.59 -24.49
C LEU A 146 16.28 16.33 -23.22
N GLN A 147 16.72 15.08 -23.02
CA GLN A 147 17.44 14.77 -21.79
C GLN A 147 18.84 15.37 -21.76
N ASN A 148 19.38 15.80 -22.89
CA ASN A 148 20.66 16.46 -22.96
C ASN A 148 20.59 17.97 -22.74
N LEU A 149 19.39 18.52 -22.58
CA LEU A 149 19.22 19.95 -22.29
C LEU A 149 19.44 20.13 -20.80
N LYS A 150 20.68 20.49 -20.41
CA LYS A 150 21.08 20.40 -19.01
C LYS A 150 20.50 21.50 -18.14
N ASN A 151 19.97 22.57 -18.74
CA ASN A 151 19.31 23.60 -17.93
C ASN A 151 17.80 23.48 -17.96
N LEU A 152 17.28 22.32 -18.37
CA LEU A 152 15.89 21.91 -18.12
C LEU A 152 15.87 20.80 -17.08
N ASN A 153 14.87 20.84 -16.21
CA ASN A 153 14.62 19.73 -15.32
C ASN A 153 13.22 19.20 -15.63
N ILE A 154 13.15 18.15 -16.45
CA ILE A 154 11.88 17.55 -16.84
C ILE A 154 11.39 16.69 -15.68
N ILE A 155 10.36 17.15 -14.96
CA ILE A 155 9.86 16.43 -13.79
C ILE A 155 8.50 15.78 -14.02
N GLY A 156 7.90 15.88 -15.20
CA GLY A 156 6.64 15.19 -15.37
C GLY A 156 5.99 15.51 -16.70
N VAL A 157 4.68 15.21 -16.78
CA VAL A 157 3.92 15.35 -18.01
C VAL A 157 2.61 16.04 -17.71
N MSE A 158 2.02 16.63 -18.74
CA MSE A 158 0.78 17.41 -18.62
C MSE A 158 -0.16 17.12 -19.79
O MSE A 158 0.27 16.88 -20.91
CB MSE A 158 1.11 18.93 -18.58
CG MSE A 158 -0.10 19.81 -18.29
SE MSE A 158 -1.03 20.35 -19.96
CE MSE A 158 0.13 21.83 -20.50
N THR A 159 -1.47 17.12 -19.53
CA THR A 159 -2.42 17.11 -20.62
C THR A 159 -3.64 17.94 -20.22
N MSE A 160 -4.44 18.27 -21.22
CA MSE A 160 -5.75 18.87 -20.99
C MSE A 160 -6.81 18.05 -21.68
O MSE A 160 -6.82 17.94 -22.90
CB MSE A 160 -5.77 20.30 -21.51
CG MSE A 160 -4.75 21.17 -20.85
SE MSE A 160 -4.61 22.86 -21.74
CE MSE A 160 -6.38 22.90 -22.54
N ALA A 161 -7.71 17.45 -20.93
CA ALA A 161 -8.77 16.71 -21.58
C ALA A 161 -9.80 17.69 -22.16
N PRO A 162 -10.53 17.31 -23.21
CA PRO A 162 -11.66 18.15 -23.63
C PRO A 162 -12.71 18.15 -22.54
N PHE A 163 -13.53 19.20 -22.55
N PHE A 163 -13.53 19.21 -22.55
CA PHE A 163 -14.61 19.29 -21.58
CA PHE A 163 -14.62 19.29 -21.59
C PHE A 163 -15.71 18.30 -21.94
C PHE A 163 -15.69 18.28 -21.95
N THR A 164 -16.12 17.50 -20.97
CA THR A 164 -17.13 16.46 -21.18
C THR A 164 -17.64 16.04 -19.81
N ASP A 165 -18.85 15.50 -19.79
CA ASP A 165 -19.42 14.86 -18.62
C ASP A 165 -19.20 13.35 -18.61
N ASP A 166 -18.74 12.77 -19.71
CA ASP A 166 -18.54 11.34 -19.80
C ASP A 166 -17.37 10.94 -18.91
N GLU A 167 -17.68 10.33 -17.76
CA GLU A 167 -16.63 9.91 -16.84
C GLU A 167 -15.72 8.87 -17.46
N LYS A 168 -16.24 7.99 -18.32
CA LYS A 168 -15.41 6.97 -18.94
C LYS A 168 -14.34 7.59 -19.83
N ILE A 169 -14.70 8.63 -20.59
CA ILE A 169 -13.71 9.30 -21.43
C ILE A 169 -12.64 9.98 -20.57
N LEU A 170 -13.05 10.65 -19.51
CA LEU A 170 -12.09 11.35 -18.67
C LEU A 170 -11.09 10.38 -18.07
N ARG A 171 -11.57 9.25 -17.53
CA ARG A 171 -10.66 8.27 -16.95
C ARG A 171 -9.72 7.71 -17.99
N MSE A 172 -10.19 7.48 -19.20
CA MSE A 172 -9.35 7.01 -20.29
C MSE A 172 -8.25 8.00 -20.57
O MSE A 172 -7.10 7.61 -20.73
CB MSE A 172 -10.19 6.79 -21.54
CG MSE A 172 -9.43 6.24 -22.72
SE MSE A 172 -10.58 6.10 -24.32
CE MSE A 172 -12.33 5.75 -23.47
N VAL A 173 -8.59 9.29 -20.64
CA VAL A 173 -7.59 10.32 -20.89
C VAL A 173 -6.58 10.38 -19.74
N PHE A 174 -7.08 10.49 -18.51
CA PHE A 174 -6.18 10.65 -17.36
C PHE A 174 -5.33 9.39 -17.14
N SER A 175 -5.93 8.20 -17.22
CA SER A 175 -5.17 6.97 -17.10
C SER A 175 -4.16 6.79 -18.24
N GLU A 176 -4.50 7.21 -19.46
CA GLU A 176 -3.53 7.13 -20.54
C GLU A 176 -2.29 7.99 -20.28
N LEU A 177 -2.47 9.23 -19.79
CA LEU A 177 -1.30 10.03 -19.43
C LEU A 177 -0.50 9.37 -18.32
N ARG A 178 -1.18 8.77 -17.34
CA ARG A 178 -0.44 8.11 -16.26
C ARG A 178 0.38 6.95 -16.82
N LYS A 179 -0.20 6.18 -17.74
CA LYS A 179 0.52 5.06 -18.34
C LYS A 179 1.74 5.53 -19.11
N ILE A 180 1.62 6.68 -19.78
CA ILE A 180 2.75 7.24 -20.52
C ILE A 180 3.87 7.63 -19.57
N LYS A 181 3.53 8.31 -18.47
CA LYS A 181 4.53 8.66 -17.45
C LYS A 181 5.22 7.41 -16.91
N ASP A 182 4.45 6.37 -16.57
CA ASP A 182 5.04 5.14 -16.04
C ASP A 182 6.00 4.52 -17.05
N GLU A 183 5.58 4.47 -18.32
CA GLU A 183 6.44 3.92 -19.36
C GLU A 183 7.70 4.76 -19.58
N LEU A 184 7.56 6.09 -19.67
CA LEU A 184 8.73 6.96 -19.82
C LEU A 184 9.67 6.82 -18.64
N ASN A 185 9.12 6.57 -17.46
CA ASN A 185 9.93 6.42 -16.25
C ASN A 185 10.75 5.14 -16.28
N LYS A 186 10.24 4.08 -16.91
CA LYS A 186 11.00 2.85 -17.04
C LYS A 186 12.04 2.96 -18.16
N GLU A 187 11.64 3.45 -19.33
CA GLU A 187 12.50 3.39 -20.50
C GLU A 187 13.52 4.53 -20.57
N TYR A 188 13.24 5.72 -20.03
CA TYR A 188 14.17 6.80 -20.28
C TYR A 188 14.56 7.63 -19.06
N PHE A 189 13.64 7.85 -18.11
CA PHE A 189 13.88 8.83 -17.06
C PHE A 189 14.30 8.24 -15.72
N ASN A 190 14.47 6.93 -15.64
CA ASN A 190 14.94 6.29 -14.41
C ASN A 190 14.17 6.77 -13.21
N ASN A 191 12.85 6.85 -13.36
CA ASN A 191 11.91 7.22 -12.32
C ASN A 191 12.02 8.67 -11.89
N ASN A 192 12.67 9.52 -12.67
CA ASN A 192 12.72 10.92 -12.23
C ASN A 192 11.47 11.71 -12.56
N LEU A 193 10.50 11.16 -13.30
CA LEU A 193 9.23 11.85 -13.54
C LEU A 193 8.32 11.63 -12.34
N THR A 194 8.02 12.70 -11.60
CA THR A 194 7.20 12.60 -10.42
C THR A 194 5.83 13.26 -10.55
N GLU A 195 5.59 14.05 -11.59
CA GLU A 195 4.40 14.89 -11.65
C GLU A 195 3.48 14.50 -12.80
N LEU A 196 2.18 14.69 -12.56
CA LEU A 196 1.11 14.45 -13.53
C LEU A 196 0.18 15.64 -13.44
N SER A 197 0.23 16.55 -14.40
CA SER A 197 -0.61 17.74 -14.34
C SER A 197 -1.86 17.49 -15.20
N MSE A 198 -3.02 17.29 -14.56
CA MSE A 198 -4.29 17.05 -15.27
C MSE A 198 -5.42 17.36 -14.34
O MSE A 198 -5.28 17.19 -13.14
CB MSE A 198 -4.46 15.59 -15.72
CG MSE A 198 -4.11 14.58 -14.66
SE MSE A 198 -3.71 12.84 -15.43
CE MSE A 198 -4.15 11.73 -13.93
N GLY A 199 -6.56 17.78 -14.89
CA GLY A 199 -7.73 17.99 -14.07
C GLY A 199 -8.00 19.46 -13.89
N MSE A 200 -9.24 19.88 -14.12
N MSE A 200 -9.26 19.86 -14.06
CA MSE A 200 -9.66 21.26 -13.81
CA MSE A 200 -9.66 21.24 -13.82
C MSE A 200 -10.94 21.25 -12.98
C MSE A 200 -10.96 21.24 -13.00
O MSE A 200 -11.35 20.18 -12.50
O MSE A 200 -11.38 20.18 -12.53
CB MSE A 200 -9.85 22.10 -15.08
CB MSE A 200 -9.83 21.98 -15.15
CG MSE A 200 -9.77 21.38 -16.42
CG MSE A 200 -8.54 22.03 -15.99
SE MSE A 200 -11.32 21.78 -17.57
SE MSE A 200 -8.63 23.17 -17.59
CE MSE A 200 -12.47 20.51 -16.69
CE MSE A 200 -6.76 23.73 -17.69
N SER A 201 -11.57 22.42 -12.82
CA SER A 201 -12.69 22.57 -11.88
C SER A 201 -13.79 21.53 -12.07
N SER A 202 -14.16 21.22 -13.32
CA SER A 202 -15.31 20.34 -13.46
C SER A 202 -14.95 18.87 -13.39
N ASP A 203 -13.67 18.51 -13.37
CA ASP A 203 -13.34 17.08 -13.41
C ASP A 203 -12.21 16.68 -12.47
N TYR A 204 -11.76 17.55 -11.57
CA TYR A 204 -10.54 17.26 -10.84
C TYR A 204 -10.67 16.09 -9.87
N LYS A 205 -11.87 15.77 -9.40
CA LYS A 205 -12.00 14.61 -8.52
C LYS A 205 -11.67 13.32 -9.27
N ILE A 206 -12.03 13.25 -10.55
CA ILE A 206 -11.64 12.12 -11.38
C ILE A 206 -10.15 12.15 -11.62
N ALA A 207 -9.60 13.33 -11.92
CA ALA A 207 -8.17 13.42 -12.15
C ALA A 207 -7.40 13.01 -10.91
N LEU A 208 -7.89 13.37 -9.72
CA LEU A 208 -7.19 12.97 -8.50
C LEU A 208 -7.16 11.44 -8.36
N GLN A 209 -8.30 10.79 -8.62
CA GLN A 209 -8.38 9.33 -8.53
C GLN A 209 -7.40 8.68 -9.51
N GLU A 210 -7.22 9.29 -10.68
CA GLU A 210 -6.31 8.75 -11.69
C GLU A 210 -4.87 9.16 -11.46
N GLY A 211 -4.55 9.76 -10.31
CA GLY A 211 -3.17 10.04 -9.93
C GLY A 211 -2.65 11.44 -10.19
N SER A 212 -3.53 12.42 -10.41
CA SER A 212 -3.03 13.77 -10.68
C SER A 212 -2.25 14.29 -9.48
N THR A 213 -1.09 14.93 -9.78
CA THR A 213 -0.34 15.65 -8.76
C THR A 213 -0.42 17.16 -8.88
N PHE A 214 -0.95 17.71 -9.98
CA PHE A 214 -1.26 19.14 -10.10
C PHE A 214 -2.67 19.24 -10.65
N ILE A 215 -3.59 19.79 -9.88
CA ILE A 215 -4.93 20.08 -10.38
C ILE A 215 -5.01 21.59 -10.60
N ARG A 216 -5.47 21.99 -11.78
CA ARG A 216 -5.45 23.38 -12.21
C ARG A 216 -6.88 23.87 -12.09
N VAL A 217 -7.19 24.51 -10.96
CA VAL A 217 -8.57 24.79 -10.57
C VAL A 217 -8.74 26.30 -10.55
N GLY A 218 -9.66 26.81 -11.37
CA GLY A 218 -9.96 28.23 -11.38
C GLY A 218 -11.31 28.56 -10.77
N THR A 219 -12.37 28.28 -11.53
CA THR A 219 -13.73 28.64 -11.12
C THR A 219 -14.09 28.09 -9.73
N LYS A 220 -13.74 26.83 -9.44
CA LYS A 220 -14.08 26.25 -8.14
C LYS A 220 -13.48 27.03 -6.96
N ILE A 221 -12.33 27.69 -7.18
CA ILE A 221 -11.75 28.51 -6.12
C ILE A 221 -12.41 29.87 -6.05
N PHE A 222 -12.56 30.53 -7.21
CA PHE A 222 -12.80 31.96 -7.27
C PHE A 222 -14.25 32.34 -7.54
N LYS A 223 -15.12 31.40 -7.88
CA LYS A 223 -16.47 31.72 -8.32
C LYS A 223 -17.52 30.90 -7.59
N MSE B 1 -27.71 4.10 40.00
CA MSE B 1 -26.58 3.21 39.74
C MSE B 1 -25.33 3.60 40.54
O MSE B 1 -25.17 4.76 40.94
CB MSE B 1 -26.24 3.22 38.25
CG MSE B 1 -25.98 4.59 37.71
SE MSE B 1 -24.35 4.68 36.66
CE MSE B 1 -23.07 4.82 38.11
N SER B 2 -24.44 2.64 40.76
CA SER B 2 -23.26 2.83 41.60
C SER B 2 -22.07 2.12 40.96
N ILE B 3 -21.07 2.89 40.53
CA ILE B 3 -19.86 2.32 39.93
C ILE B 3 -19.25 1.28 40.86
N LYS B 4 -19.21 1.56 42.16
CA LYS B 4 -18.60 0.63 43.10
C LYS B 4 -19.40 -0.67 43.21
N ALA B 5 -20.72 -0.57 43.30
CA ALA B 5 -21.53 -1.78 43.33
C ALA B 5 -21.33 -2.59 42.04
N ASN B 6 -21.25 -1.91 40.90
CA ASN B 6 -21.04 -2.60 39.63
C ASN B 6 -19.70 -3.32 39.59
N VAL B 7 -18.63 -2.66 40.06
CA VAL B 7 -17.32 -3.31 40.10
C VAL B 7 -17.37 -4.54 40.99
N GLU B 8 -17.91 -4.38 42.19
CA GLU B 8 -18.07 -5.49 43.13
C GLU B 8 -18.72 -6.69 42.45
N GLU B 9 -19.78 -6.44 41.68
CA GLU B 9 -20.47 -7.51 40.98
C GLU B 9 -19.56 -8.20 39.97
N ILE B 10 -18.76 -7.43 39.23
CA ILE B 10 -17.87 -8.02 38.24
C ILE B 10 -16.80 -8.87 38.93
N LEU B 11 -16.25 -8.38 40.05
CA LEU B 11 -15.24 -9.16 40.77
C LEU B 11 -15.79 -10.48 41.30
N GLU B 12 -17.05 -10.50 41.72
CA GLU B 12 -17.69 -11.76 42.11
C GLU B 12 -17.92 -12.65 40.89
N ASP B 13 -18.30 -12.07 39.75
CA ASP B 13 -18.42 -12.87 38.54
C ASP B 13 -17.08 -13.52 38.18
N ILE B 14 -15.98 -12.80 38.38
CA ILE B 14 -14.66 -13.36 38.08
C ILE B 14 -14.42 -14.60 38.93
N LYS B 15 -14.61 -14.48 40.25
CA LYS B 15 -14.48 -15.63 41.14
C LYS B 15 -15.39 -16.78 40.73
N LYS B 16 -16.61 -16.46 40.32
CA LYS B 16 -17.59 -17.50 40.01
C LYS B 16 -17.24 -18.21 38.70
N TYR B 17 -16.91 -17.45 37.65
CA TYR B 17 -16.84 -18.01 36.31
C TYR B 17 -15.43 -18.32 35.83
N SER B 18 -14.40 -17.76 36.45
CA SER B 18 -13.15 -17.99 35.74
C SER B 18 -12.52 -19.29 36.21
N PRO B 19 -11.90 -20.05 35.31
CA PRO B 19 -11.13 -21.22 35.76
C PRO B 19 -9.92 -20.84 36.58
N TYR B 20 -9.44 -19.60 36.49
CA TYR B 20 -8.29 -19.16 37.26
C TYR B 20 -8.47 -17.69 37.67
N PRO B 21 -9.36 -17.43 38.62
CA PRO B 21 -9.73 -16.03 38.91
C PRO B 21 -8.56 -15.15 39.27
N GLU B 22 -7.51 -15.73 39.87
CA GLU B 22 -6.35 -14.94 40.26
C GLU B 22 -5.61 -14.36 39.06
N LYS B 23 -5.80 -14.89 37.86
CA LYS B 23 -5.14 -14.36 36.67
C LYS B 23 -5.92 -13.25 35.97
N VAL B 24 -7.13 -12.95 36.40
CA VAL B 24 -8.02 -12.11 35.60
C VAL B 24 -7.91 -10.65 36.01
N LYS B 25 -7.84 -9.77 35.03
CA LYS B 25 -7.78 -8.33 35.23
C LYS B 25 -9.00 -7.67 34.61
N LEU B 26 -9.59 -6.74 35.35
CA LEU B 26 -10.69 -5.94 34.84
C LEU B 26 -10.13 -4.74 34.10
N VAL B 27 -10.49 -4.59 32.83
CA VAL B 27 -10.13 -3.41 32.07
C VAL B 27 -11.37 -2.55 31.97
N ALA B 28 -11.40 -1.45 32.71
CA ALA B 28 -12.51 -0.52 32.55
C ALA B 28 -12.39 0.19 31.21
N VAL B 29 -13.42 0.06 30.36
CA VAL B 29 -13.45 0.75 29.08
C VAL B 29 -13.93 2.16 29.36
N THR B 30 -12.99 3.10 29.45
CA THR B 30 -13.27 4.48 29.86
C THR B 30 -13.50 5.42 28.67
N LYS B 31 -13.61 4.89 27.45
CA LYS B 31 -13.64 5.73 26.25
C LYS B 31 -14.82 6.69 26.20
N TYR B 32 -15.89 6.44 26.95
CA TYR B 32 -17.05 7.33 27.01
C TYR B 32 -17.23 7.96 28.39
N SER B 33 -16.21 7.93 29.23
CA SER B 33 -16.36 8.37 30.61
C SER B 33 -15.59 9.66 30.85
N SER B 34 -16.22 10.56 31.60
CA SER B 34 -15.54 11.76 32.08
C SER B 34 -14.41 11.37 33.01
N VAL B 35 -13.42 12.26 33.13
CA VAL B 35 -12.34 12.05 34.10
C VAL B 35 -12.90 11.98 35.51
N GLU B 36 -14.07 12.56 35.76
CA GLU B 36 -14.70 12.45 37.06
C GLU B 36 -15.24 11.04 37.31
N ASP B 37 -15.83 10.41 36.29
CA ASP B 37 -16.30 9.04 36.47
C ASP B 37 -15.14 8.05 36.50
N ILE B 38 -14.08 8.32 35.74
CA ILE B 38 -12.85 7.54 35.84
C ILE B 38 -12.32 7.59 37.26
N GLU B 39 -12.23 8.79 37.82
CA GLU B 39 -11.78 8.95 39.21
C GLU B 39 -12.61 8.10 40.15
N LYS B 40 -13.93 8.09 39.97
CA LYS B 40 -14.79 7.26 40.80
C LYS B 40 -14.47 5.77 40.63
N PHE B 41 -14.24 5.33 39.39
CA PHE B 41 -13.79 3.95 39.18
C PHE B 41 -12.49 3.69 39.94
N LEU B 42 -11.53 4.61 39.81
CA LEU B 42 -10.27 4.45 40.54
C LEU B 42 -10.50 4.30 42.02
N GLU B 43 -11.52 4.98 42.56
CA GLU B 43 -11.82 4.92 43.99
C GLU B 43 -12.41 3.58 44.41
N THR B 44 -12.80 2.73 43.46
CA THR B 44 -13.26 1.40 43.81
C THR B 44 -12.11 0.48 44.20
N GLY B 45 -10.87 0.93 44.03
CA GLY B 45 -9.72 0.07 44.23
C GLY B 45 -9.20 -0.57 42.96
N GLN B 46 -9.81 -0.29 41.81
CA GLN B 46 -9.34 -0.77 40.52
C GLN B 46 -8.53 0.31 39.83
N ASN B 47 -7.68 -0.11 38.88
CA ASN B 47 -6.62 0.75 38.34
C ASN B 47 -6.46 0.73 36.82
N ILE B 48 -7.08 -0.18 36.08
CA ILE B 48 -6.75 -0.40 34.68
C ILE B 48 -7.82 0.22 33.81
N CYS B 49 -7.44 1.17 32.96
CA CYS B 49 -8.38 1.87 32.11
C CYS B 49 -8.01 1.70 30.64
N GLY B 50 -8.99 1.26 29.84
CA GLY B 50 -8.78 1.07 28.43
C GLY B 50 -9.42 2.18 27.61
N GLU B 51 -8.65 2.72 26.66
CA GLU B 51 -9.10 3.75 25.73
C GLU B 51 -8.82 3.29 24.31
N ASN B 52 -9.59 3.83 23.35
CA ASN B 52 -9.42 3.41 21.97
C ASN B 52 -9.16 4.56 21.02
N LYS B 53 -8.97 5.78 21.52
CA LYS B 53 -8.68 6.94 20.70
C LYS B 53 -7.46 7.66 21.25
N VAL B 54 -6.46 7.89 20.39
CA VAL B 54 -5.17 8.41 20.85
C VAL B 54 -5.31 9.80 21.44
N GLN B 55 -6.17 10.64 20.86
CA GLN B 55 -6.35 11.98 21.40
C GLN B 55 -7.03 11.93 22.76
N VAL B 56 -8.05 11.09 22.90
CA VAL B 56 -8.78 11.00 24.16
C VAL B 56 -7.85 10.53 25.27
N ILE B 57 -7.13 9.43 25.04
CA ILE B 57 -6.24 8.94 26.09
C ILE B 57 -5.10 9.91 26.36
N LYS B 58 -4.65 10.64 25.33
CA LYS B 58 -3.59 11.63 25.52
C LYS B 58 -3.98 12.70 26.54
N ASP B 59 -5.16 13.31 26.36
CA ASP B 59 -5.59 14.34 27.29
C ASP B 59 -5.92 13.76 28.66
N LYS B 60 -6.43 12.53 28.71
CA LYS B 60 -6.74 11.90 29.99
C LYS B 60 -5.47 11.55 30.76
N ILE B 61 -4.47 10.98 30.07
CA ILE B 61 -3.19 10.70 30.71
C ILE B 61 -2.63 11.98 31.32
N GLU B 62 -2.62 13.06 30.54
CA GLU B 62 -2.10 14.34 31.03
C GLU B 62 -2.92 14.87 32.19
N TYR B 63 -4.24 14.70 32.15
CA TYR B 63 -5.08 15.16 33.26
C TYR B 63 -4.75 14.43 34.55
N PHE B 64 -4.53 13.12 34.47
CA PHE B 64 -4.31 12.38 35.71
C PHE B 64 -2.85 12.43 36.16
N LYS B 65 -1.91 12.74 35.27
CA LYS B 65 -0.56 13.06 35.72
C LYS B 65 -0.58 14.28 36.64
N GLU B 66 -1.32 15.31 36.25
CA GLU B 66 -1.38 16.54 37.02
C GLU B 66 -2.05 16.32 38.38
N LYS B 67 -3.18 15.61 38.39
CA LYS B 67 -3.83 15.21 39.63
C LYS B 67 -3.11 14.07 40.32
N ASN B 68 -1.97 13.63 39.78
CA ASN B 68 -1.18 12.48 40.21
C ASN B 68 -2.00 11.35 40.83
N LYS B 69 -2.67 10.56 39.99
CA LYS B 69 -3.23 9.28 40.41
C LYS B 69 -2.60 8.16 39.60
N LYS B 70 -2.33 7.05 40.27
CA LYS B 70 -1.70 5.88 39.66
C LYS B 70 -2.71 5.14 38.81
N ILE B 71 -2.48 5.10 37.50
CA ILE B 71 -3.37 4.45 36.55
C ILE B 71 -2.54 3.59 35.60
N LYS B 72 -3.05 2.41 35.28
CA LYS B 72 -2.46 1.55 34.26
C LYS B 72 -3.26 1.74 32.98
N TRP B 73 -2.67 2.40 31.99
CA TRP B 73 -3.37 2.72 30.75
C TRP B 73 -3.19 1.59 29.75
N HIS B 74 -4.31 1.09 29.22
CA HIS B 74 -4.28 0.13 28.11
C HIS B 74 -4.86 0.79 26.87
N PHE B 75 -4.21 0.59 25.74
CA PHE B 75 -4.77 1.02 24.46
C PHE B 75 -5.42 -0.18 23.81
N ILE B 76 -6.73 -0.07 23.58
CA ILE B 76 -7.53 -1.20 23.14
C ILE B 76 -8.18 -0.96 21.79
N GLY B 77 -7.88 0.15 21.12
CA GLY B 77 -8.45 0.46 19.83
C GLY B 77 -7.46 0.28 18.68
N ASN B 78 -7.93 0.61 17.48
CA ASN B 78 -7.04 0.60 16.33
C ASN B 78 -5.95 1.65 16.50
N LEU B 79 -4.69 1.24 16.32
CA LEU B 79 -3.54 2.12 16.51
C LEU B 79 -2.83 2.30 15.18
N GLN B 80 -2.83 3.52 14.66
CA GLN B 80 -2.14 3.79 13.40
C GLN B 80 -0.66 4.01 13.66
N LYS B 81 0.17 3.56 12.71
CA LYS B 81 1.61 3.59 12.90
C LYS B 81 2.10 4.98 13.29
N ASN B 82 1.66 5.99 12.57
CA ASN B 82 2.12 7.35 12.81
C ASN B 82 1.66 7.92 14.15
N LYS B 83 0.75 7.26 14.85
CA LYS B 83 0.25 7.77 16.13
C LYS B 83 0.88 7.06 17.32
N VAL B 84 1.72 6.05 17.09
CA VAL B 84 2.36 5.32 18.18
C VAL B 84 3.14 6.26 19.08
N LYS B 85 3.83 7.24 18.48
CA LYS B 85 4.68 8.14 19.24
C LYS B 85 3.94 8.89 20.34
N TYR B 86 2.62 9.02 20.25
CA TYR B 86 1.86 9.79 21.23
C TYR B 86 1.56 9.02 22.51
N ILE B 87 1.64 7.70 22.50
CA ILE B 87 1.28 6.90 23.68
C ILE B 87 2.40 5.98 24.13
N ILE B 88 3.53 5.95 23.42
CA ILE B 88 4.55 4.95 23.69
C ILE B 88 5.11 5.08 25.09
N ASP B 89 5.10 6.29 25.67
CA ASP B 89 5.68 6.48 26.99
C ASP B 89 4.71 6.29 28.15
N ASP B 90 3.40 6.33 27.90
CA ASP B 90 2.43 6.32 29.00
C ASP B 90 1.50 5.11 29.02
N VAL B 91 1.52 4.27 28.00
CA VAL B 91 0.62 3.12 27.93
C VAL B 91 1.35 1.90 28.45
N ASP B 92 0.65 1.09 29.25
CA ASP B 92 1.22 -0.11 29.88
C ASP B 92 1.03 -1.37 29.05
N LEU B 93 -0.05 -1.45 28.26
CA LEU B 93 -0.29 -2.60 27.38
C LEU B 93 -1.03 -2.11 26.13
N ILE B 94 -0.58 -2.53 24.96
CA ILE B 94 -1.29 -2.28 23.71
C ILE B 94 -1.94 -3.60 23.31
N HIS B 95 -3.29 -3.62 23.28
CA HIS B 95 -4.00 -4.85 22.97
C HIS B 95 -4.05 -5.14 21.48
N SER B 96 -3.82 -4.14 20.64
CA SER B 96 -4.26 -4.24 19.25
C SER B 96 -3.15 -4.28 18.21
N VAL B 97 -2.13 -5.11 18.41
CA VAL B 97 -1.06 -5.26 17.42
C VAL B 97 -1.52 -6.32 16.44
N ASN B 98 -1.93 -5.87 15.25
CA ASN B 98 -2.57 -6.73 14.27
C ASN B 98 -1.77 -6.92 12.98
N LYS B 99 -0.55 -6.41 12.89
CA LYS B 99 0.27 -6.65 11.71
C LYS B 99 1.73 -6.35 12.03
N LEU B 100 2.61 -6.95 11.23
CA LEU B 100 4.05 -6.82 11.44
C LEU B 100 4.48 -5.36 11.37
N SER B 101 3.88 -4.56 10.50
CA SER B 101 4.38 -3.20 10.31
C SER B 101 4.06 -2.33 11.53
N LEU B 102 2.96 -2.60 12.23
CA LEU B 102 2.69 -1.87 13.47
C LEU B 102 3.62 -2.31 14.59
N ALA B 103 3.85 -3.61 14.71
CA ALA B 103 4.78 -4.12 15.70
C ALA B 103 6.16 -3.51 15.52
N GLN B 104 6.61 -3.40 14.26
CA GLN B 104 7.91 -2.82 13.98
C GLN B 104 7.97 -1.36 14.41
N GLU B 105 6.90 -0.60 14.15
CA GLU B 105 6.88 0.80 14.59
C GLU B 105 6.88 0.91 16.11
N ILE B 106 6.09 0.07 16.80
CA ILE B 106 6.08 0.11 18.27
C ILE B 106 7.45 -0.24 18.81
N ASN B 107 8.08 -1.26 18.24
CA ASN B 107 9.44 -1.62 18.64
C ASN B 107 10.39 -0.42 18.49
N LYS B 108 10.32 0.26 17.35
CA LYS B 108 11.21 1.38 17.11
C LYS B 108 11.01 2.49 18.13
N LYS B 109 9.75 2.82 18.45
CA LYS B 109 9.54 3.92 19.39
C LYS B 109 9.87 3.51 20.82
N ALA B 110 9.59 2.26 21.19
CA ALA B 110 9.98 1.76 22.50
C ALA B 110 11.49 1.81 22.67
N GLU B 111 12.21 1.35 21.65
CA GLU B 111 13.67 1.38 21.67
C GLU B 111 14.18 2.80 21.88
N GLN B 112 13.59 3.77 21.16
CA GLN B 112 14.05 5.15 21.28
C GLN B 112 13.79 5.70 22.67
N SER B 113 12.81 5.18 23.40
CA SER B 113 12.57 5.57 24.78
C SER B 113 13.20 4.61 25.78
N SER B 114 14.00 3.65 25.32
CA SER B 114 14.77 2.76 26.19
C SER B 114 13.86 1.91 27.07
N LYS B 115 12.82 1.33 26.45
CA LYS B 115 11.86 0.55 27.20
C LYS B 115 11.38 -0.61 26.35
N ILE B 116 10.77 -1.59 27.02
CA ILE B 116 10.13 -2.72 26.37
C ILE B 116 8.62 -2.53 26.52
N MSE B 117 7.91 -2.46 25.38
CA MSE B 117 6.44 -2.33 25.41
C MSE B 117 5.74 -3.66 25.44
O MSE B 117 5.91 -4.47 24.53
CB MSE B 117 5.91 -1.54 24.20
CG MSE B 117 4.39 -1.51 24.21
SE MSE B 117 3.76 -0.28 25.60
CE MSE B 117 2.41 -1.33 26.28
N ASP B 118 4.96 -3.89 26.49
CA ASP B 118 4.12 -5.08 26.51
C ASP B 118 3.03 -4.98 25.46
N VAL B 119 2.76 -6.07 24.77
CA VAL B 119 1.83 -6.07 23.65
C VAL B 119 1.02 -7.36 23.62
N LEU B 120 -0.22 -7.27 23.14
CA LEU B 120 -1.00 -8.41 22.70
C LEU B 120 -1.13 -8.41 21.18
N LEU B 121 -1.16 -9.60 20.59
CA LEU B 121 -1.40 -9.76 19.17
C LEU B 121 -2.91 -9.88 18.94
N GLU B 122 -3.47 -8.99 18.13
CA GLU B 122 -4.90 -9.03 17.82
C GLU B 122 -5.15 -10.01 16.68
N ILE B 123 -6.04 -10.97 16.93
CA ILE B 123 -6.30 -12.06 15.99
C ILE B 123 -7.77 -12.01 15.57
N ASN B 124 -8.01 -12.03 14.26
CA ASN B 124 -9.35 -12.03 13.68
C ASN B 124 -9.84 -13.47 13.65
N VAL B 125 -10.48 -13.90 14.73
CA VAL B 125 -10.82 -15.30 14.90
C VAL B 125 -12.13 -15.67 14.18
N TYR B 126 -13.09 -14.75 14.11
CA TYR B 126 -14.36 -15.06 13.45
C TYR B 126 -14.34 -14.77 11.96
N GLY B 127 -13.41 -13.93 11.50
CA GLY B 127 -13.15 -13.79 10.07
C GLY B 127 -14.01 -12.77 9.36
N GLU B 128 -14.23 -11.63 10.03
CA GLU B 128 -15.01 -10.53 9.46
C GLU B 128 -14.20 -9.75 8.44
N GLY B 133 -7.43 -7.54 12.23
CA GLY B 133 -6.89 -8.64 13.03
C GLY B 133 -6.10 -9.64 12.20
N TYR B 134 -5.10 -10.26 12.83
CA TYR B 134 -4.31 -11.30 12.20
C TYR B 134 -5.18 -12.48 11.76
N SER B 135 -4.89 -13.02 10.59
CA SER B 135 -5.23 -14.41 10.36
C SER B 135 -4.11 -15.28 10.94
N LEU B 136 -4.46 -16.53 11.23
CA LEU B 136 -3.46 -17.43 11.79
C LEU B 136 -2.32 -17.65 10.80
N ASP B 137 -2.64 -17.74 9.50
CA ASP B 137 -1.60 -17.90 8.48
C ASP B 137 -0.66 -16.70 8.45
N GLU B 138 -1.24 -15.49 8.48
CA GLU B 138 -0.42 -14.27 8.52
C GLU B 138 0.46 -14.24 9.78
N LEU B 139 -0.07 -14.72 10.90
CA LEU B 139 0.70 -14.70 12.15
C LEU B 139 1.86 -15.69 12.08
N LYS B 140 1.61 -16.90 11.60
CA LYS B 140 2.68 -17.87 11.46
C LYS B 140 3.81 -17.33 10.59
N CYS B 141 3.47 -16.58 9.55
CA CYS B 141 4.49 -16.02 8.66
C CYS B 141 5.29 -14.89 9.33
N ASP B 142 4.66 -14.14 10.24
CA ASP B 142 5.33 -13.05 10.94
C ASP B 142 6.08 -13.50 12.20
N ILE B 143 5.81 -14.71 12.70
CA ILE B 143 6.00 -14.96 14.13
C ILE B 143 7.47 -14.90 14.52
N ILE B 144 8.37 -15.40 13.69
CA ILE B 144 9.78 -15.40 14.07
C ILE B 144 10.32 -13.97 14.08
N GLU B 145 10.02 -13.18 13.04
CA GLU B 145 10.43 -11.79 13.03
C GLU B 145 9.76 -10.98 14.15
N LEU B 146 8.53 -11.31 14.52
CA LEU B 146 7.92 -10.69 15.69
C LEU B 146 8.77 -10.93 16.94
N GLN B 147 9.19 -12.18 17.15
CA GLN B 147 9.93 -12.55 18.34
C GLN B 147 11.34 -11.96 18.39
N ASN B 148 11.85 -11.46 17.27
CA ASN B 148 13.15 -10.79 17.27
C ASN B 148 13.03 -9.29 17.45
N LEU B 149 11.83 -8.77 17.70
CA LEU B 149 11.68 -7.35 18.03
C LEU B 149 11.91 -7.20 19.52
N LYS B 150 13.12 -6.76 19.90
CA LYS B 150 13.60 -6.88 21.26
C LYS B 150 12.97 -5.89 22.23
N ASN B 151 12.41 -4.79 21.73
CA ASN B 151 11.75 -3.84 22.61
C ASN B 151 10.23 -4.01 22.61
N LEU B 152 9.74 -5.18 22.19
CA LEU B 152 8.36 -5.62 22.45
C LEU B 152 8.38 -6.83 23.36
N ASN B 153 7.41 -6.91 24.26
CA ASN B 153 7.20 -8.09 25.07
C ASN B 153 5.80 -8.60 24.74
N ILE B 154 5.71 -9.64 23.90
CA ILE B 154 4.42 -10.18 23.48
C ILE B 154 3.94 -11.14 24.56
N ILE B 155 2.92 -10.74 25.32
CA ILE B 155 2.48 -11.52 26.47
C ILE B 155 1.13 -12.20 26.26
N GLY B 156 0.51 -12.04 25.09
CA GLY B 156 -0.78 -12.69 24.91
C GLY B 156 -1.40 -12.34 23.58
N VAL B 157 -2.66 -12.73 23.44
CA VAL B 157 -3.46 -12.50 22.22
C VAL B 157 -4.80 -11.88 22.61
N MSE B 158 -5.48 -11.37 21.59
CA MSE B 158 -6.68 -10.54 21.76
C MSE B 158 -7.65 -10.78 20.59
O MSE B 158 -7.24 -10.95 19.44
CB MSE B 158 -6.31 -9.05 21.83
CG MSE B 158 -7.45 -8.11 22.19
SE MSE B 158 -8.53 -7.52 20.60
CE MSE B 158 -7.82 -5.69 20.48
N THR B 159 -8.95 -10.82 20.88
CA THR B 159 -9.92 -10.75 19.80
C THR B 159 -11.16 -10.00 20.26
N MSE B 160 -11.98 -9.63 19.30
CA MSE B 160 -13.31 -9.15 19.63
C MSE B 160 -14.35 -9.82 18.75
O MSE B 160 -14.32 -9.74 17.53
CB MSE B 160 -13.39 -7.64 19.51
CG MSE B 160 -13.02 -7.08 18.17
SE MSE B 160 -12.96 -5.16 18.38
CE MSE B 160 -11.77 -5.12 19.90
N ALA B 161 -15.26 -10.53 19.41
CA ALA B 161 -16.37 -11.16 18.72
C ALA B 161 -17.37 -10.10 18.24
N PRO B 162 -18.10 -10.37 17.18
CA PRO B 162 -19.26 -9.53 16.87
C PRO B 162 -20.30 -9.68 17.97
N PHE B 163 -21.12 -8.65 18.12
N PHE B 163 -21.14 -8.66 18.11
CA PHE B 163 -22.19 -8.73 19.12
CA PHE B 163 -22.19 -8.71 19.12
C PHE B 163 -23.20 -9.78 18.71
C PHE B 163 -23.24 -9.75 18.72
N THR B 164 -23.48 -10.72 19.60
CA THR B 164 -24.48 -11.74 19.37
C THR B 164 -25.03 -12.19 20.71
N ASP B 165 -26.25 -12.73 20.67
CA ASP B 165 -26.82 -13.43 21.81
C ASP B 165 -26.62 -14.94 21.70
N ASP B 166 -25.96 -15.41 20.65
CA ASP B 166 -25.77 -16.84 20.44
C ASP B 166 -24.58 -17.31 21.28
N GLU B 167 -24.89 -17.99 22.38
CA GLU B 167 -23.84 -18.52 23.26
C GLU B 167 -22.92 -19.47 22.51
N LYS B 168 -23.47 -20.28 21.59
CA LYS B 168 -22.63 -21.25 20.89
C LYS B 168 -21.55 -20.55 20.08
N ILE B 169 -21.90 -19.46 19.41
CA ILE B 169 -20.93 -18.73 18.61
C ILE B 169 -19.88 -18.05 19.50
N LEU B 170 -20.31 -17.48 20.63
CA LEU B 170 -19.35 -16.83 21.52
C LEU B 170 -18.33 -17.84 22.04
N ARG B 171 -18.80 -19.01 22.47
CA ARG B 171 -17.87 -20.01 23.01
C ARG B 171 -16.88 -20.47 21.95
N MSE B 172 -17.34 -20.62 20.72
CA MSE B 172 -16.50 -21.02 19.61
C MSE B 172 -15.47 -19.94 19.31
O MSE B 172 -14.32 -20.26 19.01
CB MSE B 172 -17.36 -21.31 18.37
CG MSE B 172 -16.59 -21.23 17.05
SE MSE B 172 -17.82 -21.20 15.53
CE MSE B 172 -18.92 -22.76 15.99
N VAL B 173 -15.86 -18.67 19.41
CA VAL B 173 -14.92 -17.59 19.16
C VAL B 173 -13.85 -17.54 20.26
N PHE B 174 -14.29 -17.60 21.52
CA PHE B 174 -13.35 -17.48 22.64
C PHE B 174 -12.47 -18.72 22.75
N SER B 175 -13.05 -19.91 22.59
CA SER B 175 -12.25 -21.13 22.68
C SER B 175 -11.26 -21.24 21.53
N GLU B 176 -11.61 -20.72 20.36
CA GLU B 176 -10.67 -20.74 19.23
C GLU B 176 -9.50 -19.80 19.47
N LEU B 177 -9.73 -18.64 20.09
CA LEU B 177 -8.61 -17.79 20.44
C LEU B 177 -7.72 -18.48 21.46
N ARG B 178 -8.32 -19.20 22.41
CA ARG B 178 -7.54 -19.92 23.41
C ARG B 178 -6.70 -21.02 22.77
N LYS B 179 -7.28 -21.77 21.83
CA LYS B 179 -6.50 -22.80 21.16
C LYS B 179 -5.27 -22.21 20.47
N ILE B 180 -5.42 -21.02 19.89
CA ILE B 180 -4.29 -20.38 19.22
C ILE B 180 -3.20 -20.02 20.23
N LYS B 181 -3.59 -19.41 21.37
CA LYS B 181 -2.64 -19.13 22.44
C LYS B 181 -1.87 -20.39 22.85
N ASP B 182 -2.58 -21.50 23.07
CA ASP B 182 -1.93 -22.72 23.52
C ASP B 182 -1.00 -23.25 22.43
N GLU B 183 -1.47 -23.32 21.19
CA GLU B 183 -0.64 -23.72 20.06
C GLU B 183 0.63 -22.87 19.98
N LEU B 184 0.49 -21.54 20.03
CA LEU B 184 1.65 -20.65 19.97
C LEU B 184 2.57 -20.85 21.15
N ASN B 185 2.03 -21.18 22.33
CA ASN B 185 2.88 -21.38 23.49
C ASN B 185 3.74 -22.63 23.34
N LYS B 186 3.20 -23.69 22.71
CA LYS B 186 3.99 -24.89 22.44
C LYS B 186 5.03 -24.62 21.35
N GLU B 187 4.61 -24.00 20.25
CA GLU B 187 5.41 -23.97 19.03
C GLU B 187 6.47 -22.88 19.04
N TYR B 188 6.16 -21.70 19.61
CA TYR B 188 7.03 -20.54 19.40
C TYR B 188 7.45 -19.81 20.67
N PHE B 189 6.55 -19.66 21.65
CA PHE B 189 6.76 -18.71 22.73
C PHE B 189 7.21 -19.34 24.04
N ASN B 190 7.46 -20.65 24.07
CA ASN B 190 8.05 -21.29 25.26
C ASN B 190 7.22 -21.00 26.51
N ASN B 191 5.89 -21.09 26.38
CA ASN B 191 4.95 -20.90 27.48
C ASN B 191 4.86 -19.45 27.98
N ASN B 192 5.45 -18.49 27.26
CA ASN B 192 5.50 -17.14 27.79
C ASN B 192 4.25 -16.32 27.53
N LEU B 193 3.33 -16.75 26.66
CA LEU B 193 2.07 -16.05 26.50
C LEU B 193 1.18 -16.39 27.69
N THR B 194 0.81 -15.38 28.47
CA THR B 194 -0.02 -15.57 29.64
C THR B 194 -1.42 -14.97 29.53
N GLU B 195 -1.71 -14.17 28.50
CA GLU B 195 -2.89 -13.33 28.52
C GLU B 195 -3.83 -13.65 27.36
N LEU B 196 -5.13 -13.54 27.64
CA LEU B 196 -6.21 -13.68 26.67
C LEU B 196 -7.15 -12.50 26.87
N SER B 197 -7.16 -11.56 25.94
CA SER B 197 -8.02 -10.40 26.05
C SER B 197 -9.27 -10.64 25.21
N MSE B 198 -10.40 -10.85 25.87
CA MSE B 198 -11.65 -11.14 25.18
C MSE B 198 -12.83 -11.00 26.14
O MSE B 198 -12.69 -11.26 27.33
CB MSE B 198 -11.64 -12.55 24.56
CG MSE B 198 -11.52 -13.67 25.54
SE MSE B 198 -10.95 -15.36 24.63
CE MSE B 198 -11.01 -16.56 26.16
N GLY B 199 -13.95 -10.54 25.61
CA GLY B 199 -15.16 -10.38 26.40
C GLY B 199 -15.46 -8.92 26.70
N MSE B 200 -16.72 -8.54 26.57
N MSE B 200 -16.72 -8.55 26.59
CA MSE B 200 -17.11 -7.18 26.91
CA MSE B 200 -17.19 -7.18 26.82
C MSE B 200 -18.38 -7.25 27.76
C MSE B 200 -18.38 -7.24 27.78
O MSE B 200 -18.74 -8.34 28.23
O MSE B 200 -18.67 -8.32 28.31
CB MSE B 200 -17.31 -6.34 25.64
CB MSE B 200 -17.58 -6.52 25.50
CG MSE B 200 -16.20 -6.52 24.60
CG MSE B 200 -18.80 -7.17 24.82
SE MSE B 200 -15.76 -4.99 23.46
SE MSE B 200 -19.00 -6.66 22.95
CE MSE B 200 -15.05 -3.77 24.82
CE MSE B 200 -19.45 -4.78 23.19
N SER B 201 -19.04 -6.10 27.99
CA SER B 201 -20.18 -6.07 28.91
C SER B 201 -21.21 -7.15 28.62
N SER B 202 -21.56 -7.34 27.35
CA SER B 202 -22.68 -8.22 27.08
C SER B 202 -22.30 -9.70 27.15
N ASP B 203 -21.03 -10.04 27.24
CA ASP B 203 -20.69 -11.45 27.17
C ASP B 203 -19.54 -11.86 28.08
N TYR B 204 -19.10 -11.00 29.01
CA TYR B 204 -17.85 -11.28 29.70
C TYR B 204 -17.92 -12.53 30.56
N LYS B 205 -19.14 -12.96 30.97
CA LYS B 205 -19.24 -14.16 31.81
C LYS B 205 -18.84 -15.40 31.02
N ILE B 206 -19.23 -15.45 29.75
CA ILE B 206 -18.82 -16.55 28.88
C ILE B 206 -17.35 -16.44 28.55
N ALA B 207 -16.85 -15.21 28.41
CA ALA B 207 -15.43 -15.04 28.14
C ALA B 207 -14.59 -15.49 29.33
N LEU B 208 -15.07 -15.25 30.56
CA LEU B 208 -14.34 -15.70 31.74
C LEU B 208 -14.28 -17.22 31.80
N GLN B 209 -15.43 -17.87 31.56
CA GLN B 209 -15.52 -19.32 31.51
C GLN B 209 -14.51 -19.91 30.53
N GLU B 210 -14.35 -19.27 29.38
CA GLU B 210 -13.41 -19.74 28.36
C GLU B 210 -11.99 -19.23 28.58
N GLY B 211 -11.69 -18.68 29.75
CA GLY B 211 -10.32 -18.36 30.12
C GLY B 211 -9.82 -16.95 29.87
N SER B 212 -10.71 -15.96 29.71
CA SER B 212 -10.22 -14.59 29.55
C SER B 212 -9.39 -14.14 30.75
N THR B 213 -8.24 -13.49 30.48
CA THR B 213 -7.51 -12.82 31.54
C THR B 213 -7.67 -11.30 31.53
N PHE B 214 -8.17 -10.72 30.44
CA PHE B 214 -8.53 -9.29 30.41
C PHE B 214 -9.95 -9.21 29.89
N ILE B 215 -10.89 -8.76 30.71
CA ILE B 215 -12.25 -8.45 30.24
C ILE B 215 -12.38 -6.95 30.12
N ARG B 216 -12.87 -6.48 28.98
CA ARG B 216 -12.94 -5.05 28.69
C ARG B 216 -14.40 -4.62 28.85
N VAL B 217 -14.71 -4.01 29.99
CA VAL B 217 -16.10 -3.80 30.37
C VAL B 217 -16.33 -2.29 30.51
N GLY B 218 -17.26 -1.77 29.72
CA GLY B 218 -17.60 -0.36 29.78
C GLY B 218 -18.97 -0.12 30.42
N THR B 219 -20.03 -0.40 29.66
CA THR B 219 -21.38 -0.04 30.09
C THR B 219 -21.76 -0.72 31.41
N LYS B 220 -21.30 -1.96 31.61
CA LYS B 220 -21.61 -2.66 32.85
C LYS B 220 -21.01 -1.97 34.07
N ILE B 221 -19.93 -1.21 33.89
CA ILE B 221 -19.34 -0.45 34.99
C ILE B 221 -19.99 0.93 35.12
N PHE B 222 -20.06 1.68 34.02
CA PHE B 222 -20.40 3.10 34.10
C PHE B 222 -21.87 3.40 33.88
N LYS B 223 -22.67 2.43 33.43
CA LYS B 223 -24.10 2.61 33.24
C LYS B 223 -24.86 1.62 34.11
N MSE C 1 23.51 -36.01 -8.58
CA MSE C 1 22.14 -36.36 -8.19
C MSE C 1 21.20 -36.34 -9.39
O MSE C 1 21.44 -35.63 -10.36
CB MSE C 1 21.62 -35.40 -7.11
CG MSE C 1 22.21 -35.64 -5.72
SE MSE C 1 21.69 -34.23 -4.47
CE MSE C 1 19.87 -34.82 -4.05
N SER C 2 20.13 -37.10 -9.31
CA SER C 2 19.15 -37.13 -10.38
C SER C 2 18.13 -36.00 -10.21
N ILE C 3 17.38 -35.74 -11.27
CA ILE C 3 16.27 -34.80 -11.19
C ILE C 3 15.29 -35.25 -10.12
N LYS C 4 15.06 -36.56 -10.02
CA LYS C 4 14.12 -37.08 -9.05
C LYS C 4 14.59 -36.82 -7.63
N ALA C 5 15.89 -37.03 -7.37
CA ALA C 5 16.40 -36.83 -6.02
C ALA C 5 16.36 -35.35 -5.63
N ASN C 6 16.73 -34.47 -6.57
CA ASN C 6 16.69 -33.04 -6.30
C ASN C 6 15.26 -32.57 -5.98
N VAL C 7 14.29 -32.99 -6.79
CA VAL C 7 12.90 -32.62 -6.51
C VAL C 7 12.47 -33.13 -5.13
N GLU C 8 12.84 -34.36 -4.79
CA GLU C 8 12.45 -34.94 -3.50
C GLU C 8 13.07 -34.16 -2.34
N GLU C 9 14.32 -33.73 -2.49
CA GLU C 9 14.94 -32.89 -1.46
C GLU C 9 14.22 -31.55 -1.32
N ILE C 10 13.78 -30.97 -2.45
CA ILE C 10 13.08 -29.69 -2.37
C ILE C 10 11.73 -29.85 -1.67
N LEU C 11 11.01 -30.94 -1.95
CA LEU C 11 9.74 -31.15 -1.27
C LEU C 11 9.93 -31.39 0.22
N GLU C 12 11.06 -31.97 0.62
CA GLU C 12 11.31 -32.09 2.06
C GLU C 12 11.66 -30.74 2.68
N ASP C 13 12.36 -29.88 1.94
CA ASP C 13 12.60 -28.52 2.41
C ASP C 13 11.29 -27.76 2.58
N ILE C 14 10.33 -28.01 1.69
CA ILE C 14 9.05 -27.30 1.81
C ILE C 14 8.39 -27.65 3.14
N LYS C 15 8.33 -28.94 3.48
CA LYS C 15 7.79 -29.34 4.78
C LYS C 15 8.62 -28.82 5.93
N LYS C 16 9.93 -28.70 5.74
CA LYS C 16 10.78 -28.24 6.84
C LYS C 16 10.62 -26.75 7.09
N TYR C 17 10.64 -25.94 6.03
CA TYR C 17 10.82 -24.50 6.19
C TYR C 17 9.55 -23.68 6.04
N SER C 18 8.54 -24.16 5.35
CA SER C 18 7.37 -23.31 5.15
C SER C 18 6.50 -23.29 6.39
N PRO C 19 5.98 -22.13 6.77
CA PRO C 19 4.99 -22.07 7.85
C PRO C 19 3.63 -22.64 7.46
N TYR C 20 3.36 -22.87 6.18
CA TYR C 20 2.14 -23.53 5.73
C TYR C 20 2.45 -24.40 4.51
N PRO C 21 3.14 -25.52 4.73
CA PRO C 21 3.68 -26.28 3.58
C PRO C 21 2.62 -26.69 2.57
N GLU C 22 1.37 -26.86 2.99
CA GLU C 22 0.32 -27.31 2.09
C GLU C 22 -0.06 -26.26 1.06
N LYS C 23 0.29 -24.99 1.28
CA LYS C 23 0.01 -23.93 0.31
C LYS C 23 1.11 -23.78 -0.74
N VAL C 24 2.23 -24.49 -0.61
CA VAL C 24 3.43 -24.21 -1.39
C VAL C 24 3.47 -25.08 -2.64
N LYS C 25 3.77 -24.46 -3.77
CA LYS C 25 3.93 -25.12 -5.06
C LYS C 25 5.36 -24.93 -5.54
N LEU C 26 5.95 -25.98 -6.09
CA LEU C 26 7.23 -25.88 -6.77
C LEU C 26 7.01 -25.51 -8.24
N VAL C 27 7.66 -24.45 -8.68
CA VAL C 27 7.68 -24.09 -10.09
C VAL C 27 9.03 -24.50 -10.64
N ALA C 28 9.06 -25.53 -11.47
CA ALA C 28 10.33 -25.92 -12.06
C ALA C 28 10.66 -24.91 -13.16
N VAL C 29 11.83 -24.28 -13.04
CA VAL C 29 12.25 -23.28 -14.02
C VAL C 29 12.89 -24.06 -15.17
N THR C 30 12.13 -24.27 -16.24
CA THR C 30 12.53 -25.15 -17.32
C THR C 30 13.12 -24.39 -18.51
N LYS C 31 13.43 -23.10 -18.34
CA LYS C 31 13.78 -22.22 -19.45
C LYS C 31 15.05 -22.65 -20.16
N TYR C 32 15.98 -23.33 -19.47
CA TYR C 32 17.20 -23.84 -20.07
C TYR C 32 17.18 -25.35 -20.26
N SER C 33 16.01 -25.97 -20.26
CA SER C 33 15.94 -27.43 -20.21
C SER C 33 15.36 -27.99 -21.50
N SER C 34 15.97 -29.07 -21.98
CA SER C 34 15.46 -29.81 -23.11
C SER C 34 14.12 -30.44 -22.75
N VAL C 35 13.33 -30.77 -23.78
CA VAL C 35 12.05 -31.44 -23.50
C VAL C 35 12.27 -32.81 -22.86
N GLU C 36 13.42 -33.43 -23.10
CA GLU C 36 13.71 -34.72 -22.47
C GLU C 36 13.95 -34.58 -20.97
N ASP C 37 14.61 -33.48 -20.56
CA ASP C 37 14.78 -33.26 -19.14
C ASP C 37 13.47 -32.84 -18.48
N ILE C 38 12.66 -32.04 -19.16
CA ILE C 38 11.36 -31.66 -18.62
C ILE C 38 10.52 -32.90 -18.34
N GLU C 39 10.54 -33.85 -19.28
CA GLU C 39 9.79 -35.09 -19.08
C GLU C 39 10.31 -35.86 -17.88
N LYS C 40 11.63 -35.85 -17.66
CA LYS C 40 12.17 -36.45 -16.44
C LYS C 40 11.61 -35.77 -15.20
N PHE C 41 11.52 -34.43 -15.20
CA PHE C 41 10.87 -33.74 -14.10
C PHE C 41 9.42 -34.18 -13.95
N LEU C 42 8.71 -34.33 -15.08
CA LEU C 42 7.30 -34.69 -15.01
C LEU C 42 7.10 -36.05 -14.36
N GLU C 43 8.06 -36.95 -14.52
CA GLU C 43 7.96 -38.30 -13.98
C GLU C 43 8.07 -38.34 -12.45
N THR C 44 8.47 -37.24 -11.82
CA THR C 44 8.42 -37.15 -10.36
C THR C 44 7.02 -36.97 -9.82
N GLY C 45 6.02 -36.73 -10.68
CA GLY C 45 4.70 -36.37 -10.23
C GLY C 45 4.43 -34.88 -10.18
N GLN C 46 5.46 -34.04 -10.22
CA GLN C 46 5.28 -32.59 -10.27
C GLN C 46 4.96 -32.12 -11.69
N ASN C 47 4.27 -30.98 -11.78
CA ASN C 47 3.57 -30.56 -12.98
C ASN C 47 3.82 -29.13 -13.44
N ILE C 48 4.38 -28.26 -12.62
CA ILE C 48 4.40 -26.84 -12.90
C ILE C 48 5.75 -26.49 -13.50
N CYS C 49 5.75 -26.06 -14.75
CA CYS C 49 6.97 -25.60 -15.42
C CYS C 49 6.89 -24.12 -15.74
N GLY C 50 7.94 -23.39 -15.39
CA GLY C 50 8.01 -21.97 -15.63
C GLY C 50 9.01 -21.67 -16.75
N GLU C 51 8.57 -20.83 -17.68
CA GLU C 51 9.38 -20.41 -18.81
C GLU C 51 9.35 -18.88 -18.91
N ASN C 52 10.39 -18.31 -19.53
CA ASN C 52 10.48 -16.85 -19.59
C ASN C 52 10.65 -16.28 -20.99
N LYS C 53 10.64 -17.10 -22.03
CA LYS C 53 10.64 -16.59 -23.40
C LYS C 53 9.45 -17.15 -24.15
N VAL C 54 8.73 -16.27 -24.83
CA VAL C 54 7.48 -16.64 -25.49
C VAL C 54 7.72 -17.67 -26.59
N GLN C 55 8.78 -17.49 -27.38
CA GLN C 55 8.99 -18.42 -28.49
C GLN C 55 9.33 -19.81 -27.97
N VAL C 56 10.14 -19.87 -26.91
CA VAL C 56 10.54 -21.15 -26.33
C VAL C 56 9.34 -21.85 -25.71
N ILE C 57 8.54 -21.15 -24.89
CA ILE C 57 7.39 -21.83 -24.30
C ILE C 57 6.37 -22.20 -25.39
N LYS C 58 6.21 -21.37 -26.42
CA LYS C 58 5.27 -21.71 -27.49
C LYS C 58 5.60 -23.07 -28.10
N ASP C 59 6.88 -23.32 -28.40
CA ASP C 59 7.26 -24.58 -29.04
C ASP C 59 7.18 -25.74 -28.08
N LYS C 60 7.51 -25.53 -26.81
CA LYS C 60 7.41 -26.59 -25.82
C LYS C 60 5.96 -26.95 -25.54
N ILE C 61 5.08 -25.96 -25.51
CA ILE C 61 3.65 -26.23 -25.34
C ILE C 61 3.16 -27.15 -26.44
N GLU C 62 3.50 -26.84 -27.68
CA GLU C 62 3.03 -27.66 -28.81
C GLU C 62 3.60 -29.06 -28.73
N TYR C 63 4.91 -29.18 -28.44
CA TYR C 63 5.54 -30.49 -28.31
C TYR C 63 4.78 -31.37 -27.32
N PHE C 64 4.61 -30.87 -26.09
CA PHE C 64 3.94 -31.67 -25.06
C PHE C 64 2.45 -31.83 -25.34
N LYS C 65 1.84 -30.94 -26.13
CA LYS C 65 0.51 -31.25 -26.65
C LYS C 65 0.55 -32.49 -27.52
N GLU C 66 1.54 -32.58 -28.41
CA GLU C 66 1.58 -33.72 -29.31
C GLU C 66 1.96 -35.01 -28.58
N LYS C 67 2.77 -34.94 -27.52
CA LYS C 67 3.07 -36.09 -26.68
C LYS C 67 2.00 -36.37 -25.64
N ASN C 68 0.95 -35.56 -25.59
CA ASN C 68 -0.19 -35.75 -24.68
C ASN C 68 0.23 -35.84 -23.20
N LYS C 69 1.12 -34.95 -22.77
CA LYS C 69 1.53 -34.84 -21.36
C LYS C 69 0.83 -33.66 -20.71
N LYS C 70 0.37 -33.84 -19.47
CA LYS C 70 -0.32 -32.76 -18.79
C LYS C 70 0.69 -31.91 -18.04
N ILE C 71 0.67 -30.61 -18.31
CA ILE C 71 1.59 -29.66 -17.71
C ILE C 71 0.81 -28.43 -17.30
N LYS C 72 1.17 -27.85 -16.15
CA LYS C 72 0.73 -26.52 -15.73
C LYS C 72 1.79 -25.54 -16.18
N TRP C 73 1.53 -24.81 -17.28
CA TRP C 73 2.50 -23.85 -17.80
C TRP C 73 2.39 -22.52 -17.07
N HIS C 74 3.52 -22.05 -16.52
CA HIS C 74 3.62 -20.73 -15.92
C HIS C 74 4.58 -19.86 -16.73
N PHE C 75 4.20 -18.60 -16.95
CA PHE C 75 5.10 -17.65 -17.59
C PHE C 75 5.66 -16.74 -16.51
N ILE C 76 6.99 -16.74 -16.38
CA ILE C 76 7.64 -16.03 -15.29
C ILE C 76 8.61 -14.96 -15.79
N GLY C 77 8.62 -14.66 -17.09
CA GLY C 77 9.48 -13.65 -17.64
C GLY C 77 8.72 -12.40 -18.09
N ASN C 78 9.48 -11.45 -18.62
CA ASN C 78 8.92 -10.22 -19.17
C ASN C 78 8.05 -10.55 -20.38
N LEU C 79 6.80 -10.12 -20.33
CA LEU C 79 5.82 -10.46 -21.36
C LEU C 79 5.48 -9.20 -22.13
N GLN C 80 5.91 -9.14 -23.39
CA GLN C 80 5.55 -8.01 -24.25
C GLN C 80 4.08 -8.09 -24.62
N LYS C 81 3.44 -6.91 -24.65
CA LYS C 81 2.01 -6.82 -24.96
C LYS C 81 1.65 -7.55 -26.24
N ASN C 82 2.43 -7.34 -27.30
CA ASN C 82 2.07 -7.97 -28.57
C ASN C 82 2.50 -9.43 -28.64
N LYS C 83 2.98 -10.02 -27.55
CA LYS C 83 3.25 -11.46 -27.51
C LYS C 83 2.24 -12.23 -26.66
N VAL C 84 1.36 -11.53 -25.94
CA VAL C 84 0.38 -12.19 -25.09
C VAL C 84 -0.44 -13.21 -25.86
N LYS C 85 -0.85 -12.86 -27.08
CA LYS C 85 -1.70 -13.70 -27.91
C LYS C 85 -1.12 -15.08 -28.17
N TYR C 86 0.20 -15.26 -28.04
CA TYR C 86 0.81 -16.56 -28.27
C TYR C 86 0.75 -17.49 -27.07
N ILE C 87 0.39 -17.00 -25.89
CA ILE C 87 0.38 -17.88 -24.72
C ILE C 87 -0.97 -17.86 -23.99
N ILE C 88 -1.89 -16.99 -24.42
CA ILE C 88 -3.09 -16.72 -23.61
C ILE C 88 -3.95 -17.98 -23.46
N ASP C 89 -3.93 -18.89 -24.43
CA ASP C 89 -4.77 -20.09 -24.33
C ASP C 89 -4.12 -21.25 -23.58
N ASP C 90 -2.81 -21.25 -23.37
CA ASP C 90 -2.12 -22.43 -22.85
C ASP C 90 -1.43 -22.22 -21.50
N VAL C 91 -1.30 -21.00 -21.03
CA VAL C 91 -0.61 -20.72 -19.78
C VAL C 91 -1.63 -20.65 -18.64
N ASP C 92 -1.33 -21.29 -17.51
CA ASP C 92 -2.22 -21.25 -16.34
C ASP C 92 -1.98 -20.06 -15.40
N LEU C 93 -0.76 -19.52 -15.34
CA LEU C 93 -0.47 -18.39 -14.46
C LEU C 93 0.61 -17.51 -15.09
N ILE C 94 0.37 -16.21 -15.13
CA ILE C 94 1.37 -15.24 -15.57
C ILE C 94 1.87 -14.54 -14.32
N HIS C 95 3.15 -14.75 -13.98
CA HIS C 95 3.66 -14.20 -12.72
C HIS C 95 4.03 -12.72 -12.84
N SER C 96 4.12 -12.18 -14.05
CA SER C 96 4.90 -10.97 -14.31
C SER C 96 4.05 -9.83 -14.81
N VAL C 97 2.89 -9.61 -14.20
CA VAL C 97 2.06 -8.47 -14.58
C VAL C 97 2.58 -7.26 -13.79
N ASN C 98 3.27 -6.37 -14.48
CA ASN C 98 4.00 -5.28 -13.85
C ASN C 98 3.45 -3.90 -14.18
N LYS C 99 2.37 -3.79 -14.95
CA LYS C 99 1.84 -2.47 -15.31
C LYS C 99 0.46 -2.62 -15.90
N LEU C 100 -0.31 -1.53 -15.83
CA LEU C 100 -1.70 -1.55 -16.25
C LEU C 100 -1.84 -1.91 -17.72
N SER C 101 -0.96 -1.41 -18.59
CA SER C 101 -1.15 -1.65 -20.03
C SER C 101 -1.01 -3.14 -20.36
N LEU C 102 -0.07 -3.82 -19.74
CA LEU C 102 0.04 -5.28 -19.92
C LEU C 102 -1.19 -5.97 -19.37
N ALA C 103 -1.64 -5.58 -18.17
CA ALA C 103 -2.83 -6.20 -17.61
C ALA C 103 -4.04 -6.05 -18.55
N GLN C 104 -4.20 -4.86 -19.12
CA GLN C 104 -5.31 -4.59 -20.04
C GLN C 104 -5.23 -5.48 -21.28
N GLU C 105 -4.01 -5.70 -21.78
CA GLU C 105 -3.86 -6.54 -22.96
C GLU C 105 -4.15 -8.01 -22.62
N ILE C 106 -3.70 -8.49 -21.46
CA ILE C 106 -4.00 -9.86 -21.06
C ILE C 106 -5.51 -10.03 -20.88
N ASN C 107 -6.15 -9.04 -20.28
CA ASN C 107 -7.60 -9.09 -20.10
C ASN C 107 -8.33 -9.16 -21.44
N LYS C 108 -7.94 -8.33 -22.39
CA LYS C 108 -8.61 -8.31 -23.69
C LYS C 108 -8.46 -9.66 -24.40
N LYS C 109 -7.25 -10.20 -24.44
CA LYS C 109 -7.07 -11.48 -25.13
C LYS C 109 -7.77 -12.61 -24.39
N ALA C 110 -7.72 -12.60 -23.04
CA ALA C 110 -8.45 -13.62 -22.30
C ALA C 110 -9.95 -13.54 -22.57
N GLU C 111 -10.47 -12.31 -22.63
CA GLU C 111 -11.89 -12.14 -22.92
C GLU C 111 -12.24 -12.67 -24.31
N GLN C 112 -11.37 -12.43 -25.29
CA GLN C 112 -11.58 -12.98 -26.64
C GLN C 112 -11.59 -14.50 -26.64
N SER C 113 -10.91 -15.13 -25.69
CA SER C 113 -10.88 -16.57 -25.58
C SER C 113 -11.90 -17.08 -24.58
N SER C 114 -12.78 -16.21 -24.09
CA SER C 114 -13.85 -16.58 -23.16
C SER C 114 -13.29 -17.29 -21.93
N LYS C 115 -12.19 -16.77 -21.41
CA LYS C 115 -11.57 -17.33 -20.22
C LYS C 115 -11.14 -16.20 -19.29
N ILE C 116 -10.87 -16.58 -18.05
CA ILE C 116 -10.29 -15.71 -17.02
C ILE C 116 -8.86 -16.17 -16.77
N MSE C 117 -7.90 -15.30 -17.01
CA MSE C 117 -6.48 -15.65 -16.83
C MSE C 117 -6.02 -15.33 -15.40
O MSE C 117 -6.18 -14.19 -14.97
CB MSE C 117 -5.62 -14.90 -17.84
CG MSE C 117 -4.10 -15.05 -17.59
SE MSE C 117 -3.53 -16.94 -17.81
CE MSE C 117 -3.56 -17.05 -19.75
N ASP C 118 -5.50 -16.31 -14.68
CA ASP C 118 -4.92 -16.01 -13.37
C ASP C 118 -3.62 -15.25 -13.57
N VAL C 119 -3.35 -14.27 -12.71
CA VAL C 119 -2.13 -13.47 -12.78
C VAL C 119 -1.63 -13.16 -11.36
N LEU C 120 -0.32 -12.91 -11.28
CA LEU C 120 0.30 -12.27 -10.14
C LEU C 120 0.75 -10.88 -10.56
N LEU C 121 0.73 -9.94 -9.63
CA LEU C 121 1.29 -8.61 -9.86
C LEU C 121 2.77 -8.61 -9.46
N GLU C 122 3.63 -8.24 -10.40
CA GLU C 122 5.07 -8.22 -10.13
C GLU C 122 5.43 -6.88 -9.51
N ILE C 123 6.05 -6.91 -8.34
CA ILE C 123 6.31 -5.71 -7.54
C ILE C 123 7.81 -5.57 -7.34
N ASN C 124 8.32 -4.35 -7.59
CA ASN C 124 9.76 -4.06 -7.54
C ASN C 124 10.12 -3.62 -6.12
N VAL C 125 10.25 -4.60 -5.24
CA VAL C 125 10.35 -4.30 -3.82
C VAL C 125 11.70 -3.67 -3.47
N TYR C 126 12.78 -4.12 -4.10
CA TYR C 126 14.12 -3.68 -3.68
C TYR C 126 14.57 -2.38 -4.35
N GLY C 127 13.95 -1.99 -5.45
CA GLY C 127 14.28 -0.73 -6.09
C GLY C 127 15.27 -0.82 -7.22
N GLU C 128 15.53 -2.02 -7.74
CA GLU C 128 16.46 -2.19 -8.86
C GLU C 128 15.98 -1.40 -10.07
N GLU C 129 16.90 -0.65 -10.68
CA GLU C 129 16.57 0.11 -11.88
C GLU C 129 16.56 -0.76 -13.14
N SER C 130 17.18 -1.95 -13.10
CA SER C 130 17.00 -2.93 -14.17
C SER C 130 15.66 -3.64 -14.10
N LYS C 131 15.02 -3.67 -12.94
CA LYS C 131 13.80 -4.41 -12.75
C LYS C 131 12.60 -3.60 -13.23
N GLN C 132 11.56 -4.31 -13.69
CA GLN C 132 10.41 -3.68 -14.31
C GLN C 132 9.15 -3.77 -13.46
N GLY C 133 9.24 -4.26 -12.24
CA GLY C 133 8.06 -4.47 -11.42
C GLY C 133 7.38 -3.17 -10.98
N TYR C 134 6.19 -3.34 -10.42
CA TYR C 134 5.45 -2.21 -9.87
C TYR C 134 6.23 -1.52 -8.76
N SER C 135 6.20 -0.21 -8.75
CA SER C 135 6.40 0.50 -7.49
C SER C 135 5.08 0.55 -6.76
N LEU C 136 5.13 0.82 -5.45
CA LEU C 136 3.90 0.85 -4.67
C LEU C 136 3.00 2.01 -5.08
N ASP C 137 3.58 3.17 -5.37
CA ASP C 137 2.78 4.30 -5.84
C ASP C 137 2.04 3.97 -7.12
N GLU C 138 2.74 3.35 -8.08
CA GLU C 138 2.11 3.00 -9.35
C GLU C 138 1.00 1.97 -9.14
N LEU C 139 1.21 1.02 -8.23
CA LEU C 139 0.18 0.02 -7.94
C LEU C 139 -1.07 0.67 -7.35
N LYS C 140 -0.91 1.60 -6.40
CA LYS C 140 -2.06 2.29 -5.82
C LYS C 140 -2.84 3.06 -6.87
N CYS C 141 -2.16 3.61 -7.87
CA CYS C 141 -2.84 4.35 -8.93
C CYS C 141 -3.59 3.42 -9.88
N ASP C 142 -3.08 2.19 -10.08
CA ASP C 142 -3.66 1.24 -11.02
C ASP C 142 -4.74 0.34 -10.41
N ILE C 143 -4.83 0.27 -9.08
CA ILE C 143 -5.40 -0.92 -8.46
C ILE C 143 -6.91 -1.01 -8.70
N ILE C 144 -7.62 0.12 -8.68
CA ILE C 144 -9.05 0.08 -8.94
C ILE C 144 -9.31 -0.41 -10.36
N GLU C 145 -8.60 0.16 -11.33
CA GLU C 145 -8.79 -0.28 -12.71
C GLU C 145 -8.38 -1.75 -12.87
N LEU C 146 -7.30 -2.17 -12.23
CA LEU C 146 -6.93 -3.58 -12.27
C LEU C 146 -8.08 -4.48 -11.82
N GLN C 147 -8.77 -4.08 -10.74
CA GLN C 147 -9.80 -4.93 -10.16
C GLN C 147 -11.07 -4.96 -11.01
N ASN C 148 -11.23 -4.02 -11.93
CA ASN C 148 -12.36 -4.04 -12.83
C ASN C 148 -12.09 -4.86 -14.09
N LEU C 149 -10.90 -5.42 -14.26
CA LEU C 149 -10.61 -6.26 -15.42
C LEU C 149 -11.15 -7.65 -15.13
N LYS C 150 -12.34 -7.94 -15.67
CA LYS C 150 -13.09 -9.11 -15.23
C LYS C 150 -12.57 -10.42 -15.82
N ASN C 151 -11.73 -10.37 -16.86
CA ASN C 151 -11.13 -11.60 -17.37
C ASN C 151 -9.70 -11.77 -16.89
N LEU C 152 -9.32 -11.05 -15.84
CA LEU C 152 -8.14 -11.34 -15.04
C LEU C 152 -8.57 -11.82 -13.66
N ASN C 153 -7.82 -12.76 -13.10
CA ASN C 153 -8.01 -13.20 -11.73
C ASN C 153 -6.69 -12.97 -11.00
N ILE C 154 -6.57 -11.85 -10.28
CA ILE C 154 -5.33 -11.52 -9.57
C ILE C 154 -5.29 -12.31 -8.26
N ILE C 155 -4.43 -13.32 -8.19
CA ILE C 155 -4.41 -14.21 -7.04
C ILE C 155 -3.20 -14.02 -6.15
N GLY C 156 -2.31 -13.07 -6.46
CA GLY C 156 -1.15 -12.90 -5.60
C GLY C 156 -0.18 -11.90 -6.17
N VAL C 157 1.03 -11.88 -5.59
CA VAL C 157 2.07 -10.95 -6.00
C VAL C 157 3.38 -11.72 -6.15
N MSE C 158 4.33 -11.11 -6.87
CA MSE C 158 5.62 -11.72 -7.25
C MSE C 158 6.76 -10.72 -7.14
O MSE C 158 6.57 -9.53 -7.38
CB MSE C 158 5.56 -12.29 -8.69
CG MSE C 158 6.82 -13.05 -9.09
SE MSE C 158 8.19 -11.95 -9.95
CE MSE C 158 7.47 -12.01 -11.80
N THR C 159 7.95 -11.17 -6.77
CA THR C 159 9.12 -10.32 -6.87
C THR C 159 10.33 -11.20 -7.13
N MSE C 160 11.40 -10.56 -7.54
CA MSE C 160 12.69 -11.25 -7.54
C MSE C 160 13.76 -10.40 -6.91
O MSE C 160 14.07 -9.31 -7.40
CB MSE C 160 13.09 -11.66 -8.94
CG MSE C 160 12.79 -10.65 -10.00
SE MSE C 160 12.63 -11.64 -11.67
CE MSE C 160 14.48 -12.18 -11.84
N ALA C 161 14.32 -10.89 -5.82
CA ALA C 161 15.42 -10.21 -5.17
C ALA C 161 16.69 -10.32 -6.03
N PRO C 162 17.60 -9.35 -5.92
CA PRO C 162 18.92 -9.52 -6.56
C PRO C 162 19.65 -10.68 -5.91
N PHE C 163 20.60 -11.25 -6.67
N PHE C 163 20.60 -11.24 -6.65
CA PHE C 163 21.41 -12.32 -6.13
CA PHE C 163 21.39 -12.35 -6.13
C PHE C 163 22.30 -11.79 -5.02
C PHE C 163 22.31 -11.81 -5.04
N THR C 164 22.27 -12.43 -3.86
CA THR C 164 23.07 -12.01 -2.73
C THR C 164 23.22 -13.16 -1.73
N ASP C 165 24.33 -13.14 -1.00
CA ASP C 165 24.51 -14.09 0.10
C ASP C 165 24.07 -13.52 1.43
N ASP C 166 23.52 -12.30 1.44
CA ASP C 166 23.19 -11.59 2.67
C ASP C 166 21.78 -11.98 3.09
N GLU C 167 21.68 -12.85 4.09
CA GLU C 167 20.39 -13.34 4.54
C GLU C 167 19.52 -12.19 5.04
N LYS C 168 20.15 -11.18 5.66
CA LYS C 168 19.40 -10.04 6.18
C LYS C 168 18.71 -9.29 5.03
N ILE C 169 19.39 -9.12 3.90
CA ILE C 169 18.75 -8.43 2.78
C ILE C 169 17.64 -9.29 2.20
N LEU C 170 17.87 -10.61 2.05
CA LEU C 170 16.85 -11.48 1.49
C LEU C 170 15.58 -11.46 2.33
N ARG C 171 15.73 -11.57 3.65
CA ARG C 171 14.55 -11.56 4.53
C ARG C 171 13.82 -10.23 4.45
N MSE C 172 14.55 -9.13 4.31
CA MSE C 172 13.94 -7.83 4.14
C MSE C 172 13.10 -7.78 2.88
O MSE C 172 11.99 -7.29 2.87
CB MSE C 172 14.99 -6.71 4.09
CG MSE C 172 14.39 -5.35 3.70
SE MSE C 172 15.68 -3.88 3.92
CE MSE C 172 17.05 -4.45 2.66
N VAL C 173 13.65 -8.32 1.79
CA VAL C 173 12.92 -8.27 0.53
C VAL C 173 11.68 -9.15 0.60
N PHE C 174 11.85 -10.41 1.04
CA PHE C 174 10.73 -11.35 1.05
C PHE C 174 9.65 -10.91 2.04
N SER C 175 10.06 -10.38 3.20
CA SER C 175 9.08 -9.94 4.18
C SER C 175 8.35 -8.70 3.71
N GLU C 176 9.04 -7.78 3.00
CA GLU C 176 8.35 -6.60 2.48
C GLU C 176 7.28 -6.97 1.45
N LEU C 177 7.54 -7.96 0.58
CA LEU C 177 6.50 -8.32 -0.37
C LEU C 177 5.32 -8.97 0.34
N ARG C 178 5.57 -9.76 1.39
CA ARG C 178 4.47 -10.33 2.16
C ARG C 178 3.66 -9.24 2.85
N LYS C 179 4.34 -8.21 3.37
CA LYS C 179 3.60 -7.10 3.97
C LYS C 179 2.73 -6.38 2.94
N ILE C 180 3.18 -6.30 1.69
CA ILE C 180 2.36 -5.66 0.66
C ILE C 180 1.11 -6.50 0.37
N LYS C 181 1.29 -7.82 0.24
CA LYS C 181 0.17 -8.73 0.03
C LYS C 181 -0.86 -8.61 1.16
N ASP C 182 -0.39 -8.62 2.40
CA ASP C 182 -1.29 -8.52 3.55
C ASP C 182 -2.08 -7.22 3.49
N GLU C 183 -1.40 -6.10 3.23
CA GLU C 183 -2.09 -4.82 3.15
C GLU C 183 -3.06 -4.75 1.97
N LEU C 184 -2.64 -5.23 0.80
CA LEU C 184 -3.56 -5.33 -0.33
C LEU C 184 -4.77 -6.17 0.02
N ASN C 185 -4.56 -7.24 0.79
CA ASN C 185 -5.67 -8.09 1.17
C ASN C 185 -6.64 -7.37 2.09
N LYS C 186 -6.15 -6.47 2.94
CA LYS C 186 -7.01 -5.70 3.81
C LYS C 186 -7.74 -4.60 3.06
N GLU C 187 -7.02 -3.85 2.21
CA GLU C 187 -7.58 -2.64 1.62
C GLU C 187 -8.38 -2.88 0.33
N TYR C 188 -8.06 -3.90 -0.46
CA TYR C 188 -8.72 -3.99 -1.77
C TYR C 188 -9.24 -5.37 -2.12
N PHE C 189 -8.55 -6.44 -1.75
CA PHE C 189 -8.84 -7.75 -2.33
C PHE C 189 -9.66 -8.65 -1.42
N ASN C 190 -10.15 -8.15 -0.28
CA ASN C 190 -11.05 -8.93 0.56
C ASN C 190 -10.44 -10.29 0.92
N ASN C 191 -9.13 -10.29 1.13
CA ASN C 191 -8.34 -11.49 1.42
C ASN C 191 -8.37 -12.54 0.31
N ASN C 192 -8.68 -12.15 -0.92
CA ASN C 192 -8.61 -13.11 -2.01
C ASN C 192 -7.20 -13.34 -2.57
N LEU C 193 -6.20 -12.54 -2.19
CA LEU C 193 -4.81 -12.82 -2.59
C LEU C 193 -4.26 -13.96 -1.76
N THR C 194 -3.92 -15.07 -2.40
CA THR C 194 -3.41 -16.26 -1.73
C THR C 194 -1.96 -16.57 -2.04
N GLU C 195 -1.34 -15.95 -3.03
CA GLU C 195 -0.07 -16.42 -3.54
C GLU C 195 1.03 -15.38 -3.38
N LEU C 196 2.23 -15.91 -3.18
CA LEU C 196 3.46 -15.15 -2.96
C LEU C 196 4.53 -15.88 -3.77
N SER C 197 4.89 -15.34 -4.93
CA SER C 197 5.90 -15.96 -5.80
C SER C 197 7.25 -15.31 -5.52
N MSE C 198 8.10 -16.01 -4.77
CA MSE C 198 9.43 -15.48 -4.47
C MSE C 198 10.35 -16.61 -4.09
O MSE C 198 9.91 -17.62 -3.54
CB MSE C 198 9.39 -14.47 -3.31
CG MSE C 198 8.58 -14.94 -2.14
SE MSE C 198 8.32 -13.61 -0.79
CE MSE C 198 8.07 -12.20 -1.88
N GLY C 199 11.62 -16.47 -4.43
CA GLY C 199 12.63 -17.46 -4.09
C GLY C 199 13.09 -18.22 -5.32
N MSE C 200 14.39 -18.44 -5.41
N MSE C 200 14.39 -18.46 -5.40
CA MSE C 200 14.97 -19.25 -6.50
CA MSE C 200 14.98 -19.21 -6.50
C MSE C 200 15.99 -20.24 -5.92
C MSE C 200 15.99 -20.23 -5.93
O MSE C 200 16.10 -20.35 -4.70
O MSE C 200 16.08 -20.36 -4.71
CB MSE C 200 15.61 -18.36 -7.57
CB MSE C 200 15.64 -18.28 -7.52
CG MSE C 200 15.79 -16.90 -7.19
CG MSE C 200 14.72 -17.15 -7.99
SE MSE C 200 17.57 -16.23 -7.69
SE MSE C 200 15.19 -16.36 -9.72
CE MSE C 200 18.54 -17.71 -6.91
CE MSE C 200 13.62 -15.26 -10.02
N SER C 201 16.74 -20.92 -6.80
CA SER C 201 17.61 -22.01 -6.36
C SER C 201 18.49 -21.63 -5.17
N SER C 202 19.07 -20.43 -5.18
CA SER C 202 20.07 -20.14 -4.16
C SER C 202 19.49 -19.56 -2.88
N ASP C 203 18.20 -19.21 -2.84
CA ASP C 203 17.68 -18.60 -1.63
C ASP C 203 16.31 -19.13 -1.20
N TYR C 204 15.84 -20.23 -1.78
CA TYR C 204 14.43 -20.59 -1.60
C TYR C 204 14.13 -21.06 -0.19
N LYS C 205 15.12 -21.47 0.59
CA LYS C 205 14.81 -21.87 1.96
C LYS C 205 14.40 -20.67 2.79
N ILE C 206 15.04 -19.53 2.55
CA ILE C 206 14.64 -18.29 3.21
C ILE C 206 13.29 -17.82 2.68
N ALA C 207 13.04 -18.01 1.38
CA ALA C 207 11.75 -17.60 0.85
C ALA C 207 10.62 -18.43 1.46
N LEU C 208 10.84 -19.75 1.60
CA LEU C 208 9.83 -20.60 2.23
C LEU C 208 9.54 -20.14 3.66
N GLN C 209 10.59 -19.91 4.44
CA GLN C 209 10.40 -19.39 5.81
C GLN C 209 9.58 -18.11 5.80
N GLU C 210 9.82 -17.24 4.83
CA GLU C 210 9.13 -15.96 4.76
C GLU C 210 7.76 -16.06 4.08
N GLY C 211 7.25 -17.26 3.83
CA GLY C 211 5.89 -17.44 3.38
C GLY C 211 5.68 -17.66 1.89
N SER C 212 6.73 -17.95 1.13
CA SER C 212 6.54 -18.14 -0.31
C SER C 212 5.61 -19.30 -0.59
N THR C 213 4.68 -19.09 -1.55
CA THR C 213 3.83 -20.16 -2.07
C THR C 213 4.23 -20.65 -3.47
N PHE C 214 5.09 -19.93 -4.20
CA PHE C 214 5.70 -20.43 -5.44
C PHE C 214 7.20 -20.20 -5.34
N ILE C 215 7.98 -21.28 -5.32
CA ILE C 215 9.43 -21.15 -5.42
C ILE C 215 9.82 -21.56 -6.82
N ARG C 216 10.63 -20.73 -7.47
CA ARG C 216 10.97 -20.88 -8.89
C ARG C 216 12.41 -21.40 -8.94
N VAL C 217 12.53 -22.72 -9.02
CA VAL C 217 13.82 -23.39 -8.89
C VAL C 217 14.15 -24.00 -10.24
N GLY C 218 15.30 -23.63 -10.79
CA GLY C 218 15.77 -24.28 -12.00
C GLY C 218 17.05 -25.05 -11.76
N THR C 219 18.12 -24.32 -11.43
CA THR C 219 19.44 -24.93 -11.32
C THR C 219 19.45 -26.10 -10.36
N LYS C 220 18.94 -25.92 -9.15
CA LYS C 220 19.00 -27.02 -8.17
C LYS C 220 18.34 -28.29 -8.70
N ILE C 221 17.30 -28.16 -9.52
CA ILE C 221 16.62 -29.33 -10.06
C ILE C 221 17.42 -29.95 -11.20
N PHE C 222 17.86 -29.11 -12.15
CA PHE C 222 18.42 -29.59 -13.41
C PHE C 222 19.94 -29.50 -13.46
N LYS C 223 20.58 -28.90 -12.45
CA LYS C 223 22.01 -28.59 -12.40
C LYS C 223 22.60 -28.21 -13.75
S SO4 D . -11.14 26.21 -14.58
O1 SO4 D . -12.22 25.65 -15.40
O2 SO4 D . -9.92 26.27 -15.38
O3 SO4 D . -11.50 27.55 -14.12
O4 SO4 D . -10.92 25.35 -13.40
S SO4 E . -18.76 -2.40 26.48
O1 SO4 E . -19.81 -3.01 25.66
O2 SO4 E . -17.61 -2.09 25.63
O3 SO4 E . -18.39 -3.31 27.56
O4 SO4 E . -19.24 -1.14 27.04
S SO4 F . 17.38 -20.50 -10.87
O1 SO4 F . 17.76 -21.49 -11.88
O2 SO4 F . 16.75 -21.23 -9.76
O3 SO4 F . 16.42 -19.54 -11.44
O4 SO4 F . 18.55 -19.76 -10.40
#